data_6HFW
#
_entry.id   6HFW
#
_cell.length_a   78.340
_cell.length_b   84.730
_cell.length_c   80.900
_cell.angle_alpha   90.00
_cell.angle_beta   103.20
_cell.angle_gamma   90.00
#
_symmetry.space_group_name_H-M   'P 1 21 1'
#
loop_
_entity.id
_entity.type
_entity.pdbx_description
1 polymer 'Decaprenylphosphoryl-beta-D-ribose oxidase'
2 non-polymer 'FLAVIN-ADENINE DINUCLEOTIDE'
3 non-polymer IMIDAZOLE
4 non-polymer 8-(oxidanylamino)-2-piperidin-1-yl-6-(trifluoromethyl)-1,3-benzothiazin-4-one
5 water water
#
_entity_poly.entity_id   1
_entity_poly.type   'polypeptide(L)'
_entity_poly.pdbx_seq_one_letter_code
;MGSSHHHHHHSQDPMLSVGATTTATRLTGWGRTAPSVANVLRTPDAEMIVKAVARVAESGGGRGAIARGLGRSYGDNAQN
GGGLVIDMTPLNTIHSIDADTKLVDIDAGVNLDQLMKAALPFGLWVPVLPGTRQVTVGGAIACDIHGKNHHSAGSFGNHV
RSMDLLTADGEIRHLTPTGEDAELFWATVGGNGLTGIIMRATIEMTPTSTAYFIADGDVTASLDETIALHSDGSEARYTY
SSAWFDAISAPPKLGRAAVSRGRLATVEQLPAKLRSEPLKFDAPQLLTLPDVFPNGLANKYTFGPIGELWYRKSGTYRGK
VQNLTQFYHPLDMFGEWNRAYGPAGFLQYQFVIPTEAVDEFKKIIGVIQASGHYSFLNVFKLFGPRNQAPLSFPIPGWNI
CVDFPIKDGLGKFVSELDRRVLEFGGRLYTAKDSRTTAETFHAMYPRVDEWISVRRKVDPLRVFASDMARRLELL
;
_entity_poly.pdbx_strand_id   A,B
#
loop_
_chem_comp.id
_chem_comp.type
_chem_comp.name
_chem_comp.formula
FAD non-polymer 'FLAVIN-ADENINE DINUCLEOTIDE' 'C27 H33 N9 O15 P2'
G1T non-polymer 8-(oxidanylamino)-2-piperidin-1-yl-6-(trifluoromethyl)-1,3-benzothiazin-4-one 'C14 H14 F3 N3 O2 S'
IMD non-polymer IMIDAZOLE 'C3 H5 N2 1'
#
# COMPACT_ATOMS: atom_id res chain seq x y z
N THR A 21 1.86 -15.91 -25.23
CA THR A 21 0.87 -15.77 -26.33
C THR A 21 1.34 -14.72 -27.36
N THR A 22 1.82 -15.20 -28.51
CA THR A 22 2.22 -14.33 -29.63
C THR A 22 1.06 -14.15 -30.60
N THR A 23 0.71 -12.90 -30.88
CA THR A 23 -0.48 -12.56 -31.64
C THR A 23 -0.22 -11.38 -32.58
N ALA A 24 -0.45 -11.57 -33.88
CA ALA A 24 -0.42 -10.47 -34.84
C ALA A 24 -1.52 -9.45 -34.50
N THR A 25 -1.12 -8.27 -34.03
CA THR A 25 -2.08 -7.25 -33.55
C THR A 25 -1.85 -5.89 -34.21
N ARG A 26 -2.93 -5.12 -34.33
CA ARG A 26 -2.91 -3.77 -34.88
C ARG A 26 -2.73 -2.76 -33.74
N LEU A 27 -1.62 -2.03 -33.78
CA LEU A 27 -1.25 -1.12 -32.68
C LEU A 27 -1.18 0.33 -33.14
N THR A 28 -1.69 1.24 -32.30
CA THR A 28 -1.48 2.68 -32.51
C THR A 28 -1.13 3.37 -31.21
N GLY A 29 -0.59 4.58 -31.32
CA GLY A 29 -0.38 5.45 -30.17
C GLY A 29 -1.70 5.95 -29.65
N TRP A 30 -1.65 6.75 -28.60
CA TRP A 30 -2.85 7.28 -27.96
C TRP A 30 -3.63 8.18 -28.89
N GLY A 31 -2.93 8.82 -29.84
CA GLY A 31 -3.56 9.68 -30.83
C GLY A 31 -4.31 8.95 -31.93
N ARG A 32 -4.13 7.62 -31.99
CA ARG A 32 -4.85 6.75 -32.93
C ARG A 32 -4.61 7.15 -34.39
N THR A 33 -3.35 7.17 -34.78
CA THR A 33 -2.94 7.40 -36.17
C THR A 33 -1.68 6.59 -36.46
N ALA A 34 -1.31 6.52 -37.74
CA ALA A 34 -0.16 5.73 -38.19
C ALA A 34 -0.24 4.27 -37.70
N PRO A 35 -1.35 3.58 -38.01
CA PRO A 35 -1.53 2.22 -37.49
C PRO A 35 -0.50 1.26 -38.06
N SER A 36 -0.20 0.20 -37.31
CA SER A 36 0.87 -0.72 -37.66
C SER A 36 0.62 -2.08 -37.05
N VAL A 37 0.85 -3.14 -37.82
CA VAL A 37 0.62 -4.52 -37.39
C VAL A 37 1.93 -5.20 -36.97
N ALA A 38 1.90 -5.86 -35.81
CA ALA A 38 3.08 -6.52 -35.25
C ALA A 38 2.72 -7.76 -34.41
N ASN A 39 3.70 -8.63 -34.20
CA ASN A 39 3.55 -9.82 -33.36
C ASN A 39 3.69 -9.46 -31.89
N VAL A 40 2.56 -9.41 -31.18
CA VAL A 40 2.52 -8.94 -29.80
C VAL A 40 2.64 -10.09 -28.79
N LEU A 41 3.83 -10.24 -28.20
CA LEU A 41 4.04 -11.16 -27.10
C LEU A 41 3.57 -10.52 -25.81
N ARG A 42 2.66 -11.21 -25.11
CA ARG A 42 2.13 -10.76 -23.82
C ARG A 42 2.27 -11.87 -22.77
N THR A 43 3.30 -11.79 -21.95
CA THR A 43 3.56 -12.84 -20.95
C THR A 43 4.01 -12.26 -19.60
N PRO A 44 3.57 -12.87 -18.49
CA PRO A 44 4.07 -12.53 -17.14
C PRO A 44 5.42 -13.17 -16.81
N ASP A 45 5.94 -13.98 -17.72
CA ASP A 45 7.17 -14.72 -17.52
C ASP A 45 8.35 -13.95 -18.12
N ALA A 46 9.23 -13.46 -17.26
CA ALA A 46 10.45 -12.77 -17.68
C ALA A 46 11.41 -13.67 -18.44
N GLU A 47 11.34 -14.98 -18.19
CA GLU A 47 12.18 -15.95 -18.91
C GLU A 47 11.73 -16.09 -20.36
N MET A 48 10.41 -16.09 -20.59
CA MET A 48 9.83 -16.06 -21.93
C MET A 48 10.29 -14.85 -22.73
N ILE A 49 10.41 -13.71 -22.05
CA ILE A 49 10.82 -12.46 -22.70
C ILE A 49 12.29 -12.49 -23.11
N VAL A 50 13.13 -13.12 -22.30
CA VAL A 50 14.57 -13.25 -22.62
C VAL A 50 14.79 -14.13 -23.84
N LYS A 51 13.94 -15.15 -24.00
CA LYS A 51 14.01 -16.07 -25.15
C LYS A 51 13.56 -15.40 -26.44
N ALA A 52 12.44 -14.67 -26.39
CA ALA A 52 11.91 -13.95 -27.56
C ALA A 52 12.92 -12.97 -28.13
N VAL A 53 13.73 -12.37 -27.24
CA VAL A 53 14.81 -11.48 -27.66
C VAL A 53 15.98 -12.26 -28.25
N ALA A 54 16.31 -13.41 -27.66
CA ALA A 54 17.34 -14.30 -28.20
C ALA A 54 16.92 -14.80 -29.59
N ARG A 55 15.67 -15.23 -29.72
CA ARG A 55 15.10 -15.63 -31.01
C ARG A 55 15.26 -14.51 -32.04
N VAL A 56 14.77 -13.31 -31.73
CA VAL A 56 14.90 -12.15 -32.63
C VAL A 56 16.37 -11.79 -32.93
N ALA A 57 17.29 -12.10 -32.03
CA ALA A 57 18.72 -11.85 -32.29
C ALA A 57 19.33 -12.83 -33.31
N GLU A 58 18.60 -13.89 -33.66
CA GLU A 58 19.03 -14.84 -34.69
C GLU A 58 18.57 -14.35 -36.06
N SER A 59 17.26 -14.19 -36.20
CA SER A 59 16.64 -13.74 -37.45
C SER A 59 15.86 -12.45 -37.23
N GLY A 62 15.07 -9.36 -40.44
CA GLY A 62 15.71 -8.53 -39.42
C GLY A 62 14.88 -7.33 -39.05
N ARG A 63 13.61 -7.56 -38.69
CA ARG A 63 12.66 -6.49 -38.41
C ARG A 63 12.62 -6.03 -36.94
N GLY A 64 13.30 -6.76 -36.06
CA GLY A 64 13.58 -6.29 -34.70
C GLY A 64 12.44 -6.38 -33.70
N ALA A 65 12.66 -5.79 -32.52
CA ALA A 65 11.72 -5.86 -31.39
C ALA A 65 11.61 -4.53 -30.63
N ILE A 66 10.52 -4.36 -29.88
CA ILE A 66 10.32 -3.18 -29.05
C ILE A 66 9.36 -3.45 -27.91
N ALA A 67 9.62 -2.85 -26.76
CA ALA A 67 8.71 -2.95 -25.60
C ALA A 67 7.56 -1.96 -25.72
N ARG A 68 6.47 -2.26 -25.03
CA ARG A 68 5.29 -1.43 -24.96
C ARG A 68 4.77 -1.44 -23.54
N GLY A 69 4.28 -0.30 -23.09
CA GLY A 69 3.71 -0.17 -21.75
C GLY A 69 2.21 -0.10 -21.90
N LEU A 70 1.60 0.95 -21.36
CA LEU A 70 0.17 1.15 -21.42
C LEU A 70 -0.30 1.88 -22.67
N GLY A 71 0.60 2.14 -23.60
CA GLY A 71 0.25 2.79 -24.86
C GLY A 71 -0.18 4.25 -24.77
N ARG A 72 0.24 4.97 -23.74
CA ARG A 72 -0.22 6.34 -23.53
C ARG A 72 0.60 7.38 -24.30
N SER A 73 1.69 6.94 -24.90
CA SER A 73 2.46 7.81 -25.76
C SER A 73 1.64 8.05 -27.03
N TYR A 74 1.59 9.29 -27.52
CA TYR A 74 0.72 9.61 -28.66
C TYR A 74 1.29 9.12 -29.99
N GLY A 75 2.62 9.02 -30.07
CA GLY A 75 3.27 8.68 -31.30
C GLY A 75 3.46 7.20 -31.58
N ASP A 76 4.52 6.92 -32.33
CA ASP A 76 4.80 5.60 -32.87
C ASP A 76 6.05 4.98 -32.25
N ASN A 77 6.42 5.43 -31.04
CA ASN A 77 7.59 4.87 -30.35
C ASN A 77 7.38 3.49 -29.71
N ALA A 78 6.13 3.04 -29.62
CA ALA A 78 5.82 1.71 -29.05
C ALA A 78 5.14 0.80 -30.07
N GLN A 79 5.56 0.89 -31.31
CA GLN A 79 5.09 -0.03 -32.33
C GLN A 79 6.22 -0.38 -33.25
N ASN A 80 6.14 -1.57 -33.82
CA ASN A 80 7.16 -2.06 -34.74
C ASN A 80 6.46 -2.84 -35.85
N GLY A 81 6.13 -2.14 -36.94
CA GLY A 81 5.43 -2.74 -38.08
C GLY A 81 6.16 -3.92 -38.65
N GLY A 82 5.47 -5.05 -38.78
CA GLY A 82 6.08 -6.27 -39.29
C GLY A 82 7.11 -6.87 -38.36
N GLY A 83 7.12 -6.41 -37.12
CA GLY A 83 8.14 -6.80 -36.14
C GLY A 83 7.50 -7.32 -34.88
N LEU A 84 8.30 -7.47 -33.84
CA LEU A 84 7.82 -7.97 -32.56
C LEU A 84 7.61 -6.82 -31.56
N VAL A 85 6.44 -6.81 -30.92
CA VAL A 85 6.13 -5.87 -29.85
C VAL A 85 5.86 -6.63 -28.57
N ILE A 86 6.69 -6.44 -27.55
CA ILE A 86 6.52 -7.11 -26.27
C ILE A 86 5.72 -6.23 -25.29
N ASP A 87 4.58 -6.74 -24.83
CA ASP A 87 3.72 -6.01 -23.89
C ASP A 87 4.19 -6.27 -22.46
N MET A 88 4.61 -5.22 -21.77
CA MET A 88 5.27 -5.36 -20.46
C MET A 88 4.33 -5.23 -19.27
N THR A 89 3.04 -4.95 -19.49
CA THR A 89 2.12 -4.70 -18.40
C THR A 89 1.80 -5.90 -17.50
N PRO A 90 1.97 -7.14 -17.99
CA PRO A 90 1.81 -8.28 -17.07
C PRO A 90 2.99 -8.47 -16.10
N LEU A 91 4.10 -7.76 -16.33
CA LEU A 91 5.22 -7.74 -15.38
C LEU A 91 5.01 -6.58 -14.42
N ASN A 92 4.08 -6.75 -13.49
CA ASN A 92 3.65 -5.64 -12.66
C ASN A 92 3.74 -5.92 -11.16
N THR A 93 4.76 -6.68 -10.76
CA THR A 93 5.02 -7.00 -9.37
C THR A 93 5.82 -5.90 -8.65
N ILE A 94 5.32 -5.43 -7.50
CA ILE A 94 6.10 -4.60 -6.60
C ILE A 94 6.86 -5.52 -5.65
N HIS A 95 8.19 -5.50 -5.74
CA HIS A 95 9.04 -6.41 -4.96
C HIS A 95 9.27 -5.97 -3.54
N SER A 96 9.52 -4.68 -3.34
CA SER A 96 9.72 -4.16 -1.99
C SER A 96 9.54 -2.66 -1.96
N ILE A 97 9.11 -2.17 -0.80
CA ILE A 97 9.09 -0.74 -0.48
C ILE A 97 9.75 -0.62 0.90
N ASP A 98 10.68 0.32 1.03
CA ASP A 98 11.39 0.56 2.29
C ASP A 98 11.29 2.05 2.63
N ALA A 99 10.69 2.36 3.76
CA ALA A 99 10.46 3.72 4.21
C ALA A 99 11.75 4.43 4.68
N ASP A 100 12.72 3.65 5.13
CA ASP A 100 13.93 4.21 5.75
C ASP A 100 14.91 4.68 4.68
N THR A 101 15.13 3.82 3.68
CA THR A 101 15.92 4.17 2.51
C THR A 101 15.11 4.95 1.46
N LYS A 102 13.78 4.92 1.56
CA LYS A 102 12.88 5.52 0.58
C LYS A 102 12.92 4.86 -0.81
N LEU A 103 13.38 3.61 -0.86
CA LEU A 103 13.52 2.90 -2.14
C LEU A 103 12.36 1.96 -2.42
N VAL A 104 11.88 1.97 -3.66
CA VAL A 104 10.95 0.96 -4.13
C VAL A 104 11.63 0.15 -5.23
N ASP A 105 11.38 -1.15 -5.24
CA ASP A 105 11.94 -2.06 -6.25
C ASP A 105 10.75 -2.71 -6.96
N ILE A 106 10.63 -2.51 -8.26
CA ILE A 106 9.41 -2.86 -8.96
C ILE A 106 9.71 -3.35 -10.37
N ASP A 107 8.85 -4.23 -10.88
CA ASP A 107 8.87 -4.60 -12.29
C ASP A 107 8.53 -3.38 -13.15
N ALA A 108 9.03 -3.39 -14.37
CA ALA A 108 8.86 -2.30 -15.31
C ALA A 108 7.41 -2.05 -15.74
N GLY A 109 6.56 -3.07 -15.66
CA GLY A 109 5.17 -2.95 -16.09
C GLY A 109 4.21 -2.46 -15.03
N VAL A 110 4.77 -2.03 -13.90
CA VAL A 110 3.99 -1.46 -12.81
C VAL A 110 3.62 -0.06 -13.22
N ASN A 111 2.36 0.30 -13.09
CA ASN A 111 1.91 1.62 -13.45
C ASN A 111 2.02 2.57 -12.26
N LEU A 112 2.02 3.88 -12.52
CA LEU A 112 2.30 4.85 -11.48
C LEU A 112 1.12 5.06 -10.54
N ASP A 113 -0.07 4.68 -10.97
CA ASP A 113 -1.25 4.72 -10.11
C ASP A 113 -1.14 3.59 -9.06
N GLN A 114 -0.85 2.40 -9.54
CA GLN A 114 -0.61 1.23 -8.70
C GLN A 114 0.50 1.53 -7.67
N LEU A 115 1.60 2.09 -8.15
CA LEU A 115 2.74 2.45 -7.29
C LEU A 115 2.35 3.50 -6.25
N MET A 116 1.60 4.51 -6.69
CA MET A 116 1.18 5.57 -5.79
C MET A 116 0.39 5.03 -4.58
N LYS A 117 -0.56 4.13 -4.83
CA LYS A 117 -1.40 3.59 -3.78
C LYS A 117 -0.60 2.66 -2.87
N ALA A 118 0.32 1.91 -3.44
CA ALA A 118 1.18 1.03 -2.66
C ALA A 118 2.13 1.81 -1.71
N ALA A 119 2.59 2.98 -2.14
CA ALA A 119 3.64 3.71 -1.40
C ALA A 119 3.13 4.72 -0.38
N LEU A 120 1.90 5.18 -0.52
CA LEU A 120 1.36 6.16 0.45
C LEU A 120 1.45 5.67 1.89
N PRO A 121 0.97 4.44 2.19
CA PRO A 121 0.98 3.98 3.58
C PRO A 121 2.35 4.05 4.27
N PHE A 122 3.41 4.20 3.46
CA PHE A 122 4.75 4.28 3.98
C PHE A 122 5.20 5.72 4.07
N GLY A 123 4.31 6.65 3.77
CA GLY A 123 4.66 8.07 3.69
C GLY A 123 5.66 8.39 2.59
N LEU A 124 5.51 7.70 1.46
CA LEU A 124 6.34 7.93 0.28
C LEU A 124 5.48 8.44 -0.89
N TRP A 125 6.01 9.41 -1.64
CA TRP A 125 5.32 10.01 -2.78
C TRP A 125 6.08 9.76 -4.06
N VAL A 126 5.37 9.49 -5.15
CA VAL A 126 6.02 9.25 -6.44
C VAL A 126 6.64 10.57 -6.90
N PRO A 127 7.94 10.57 -7.22
CA PRO A 127 8.66 11.85 -7.28
C PRO A 127 8.31 12.68 -8.49
N VAL A 128 7.91 12.02 -9.56
CA VAL A 128 7.47 12.72 -10.76
C VAL A 128 6.20 12.03 -11.29
N LEU A 129 5.09 12.79 -11.33
CA LEU A 129 3.81 12.34 -11.88
C LEU A 129 3.49 13.06 -13.16
N PRO A 130 3.14 12.32 -14.22
CA PRO A 130 2.63 12.95 -15.41
C PRO A 130 1.13 13.24 -15.28
N GLY A 131 0.54 13.86 -16.29
CA GLY A 131 -0.88 14.23 -16.26
C GLY A 131 -1.92 13.11 -16.39
N THR A 132 -1.46 11.86 -16.45
CA THR A 132 -2.31 10.69 -16.35
C THR A 132 -1.52 9.65 -15.57
N ARG A 133 -2.14 8.90 -14.67
CA ARG A 133 -1.36 7.92 -13.88
C ARG A 133 -1.25 6.54 -14.56
N GLN A 134 -1.95 6.37 -15.68
CA GLN A 134 -1.86 5.15 -16.45
C GLN A 134 -0.63 5.15 -17.35
N VAL A 135 0.56 5.14 -16.74
CA VAL A 135 1.79 5.00 -17.47
C VAL A 135 2.63 4.03 -16.70
N THR A 136 3.39 3.19 -17.40
CA THR A 136 4.26 2.21 -16.74
C THR A 136 5.58 2.86 -16.32
N VAL A 137 6.29 2.24 -15.38
CA VAL A 137 7.61 2.73 -14.96
C VAL A 137 8.58 2.68 -16.14
N GLY A 138 8.54 1.61 -16.92
CA GLY A 138 9.41 1.48 -18.08
C GLY A 138 9.18 2.61 -19.04
N GLY A 139 7.91 2.91 -19.30
CA GLY A 139 7.53 4.05 -20.13
C GLY A 139 7.88 5.38 -19.53
N ALA A 140 7.79 5.48 -18.22
CA ALA A 140 8.20 6.68 -17.52
C ALA A 140 9.70 6.90 -17.71
N ILE A 141 10.47 5.82 -17.69
CA ILE A 141 11.93 5.91 -17.84
C ILE A 141 12.31 6.14 -19.29
N ALA A 142 11.68 5.39 -20.19
CA ALA A 142 11.99 5.46 -21.62
C ALA A 142 11.68 6.81 -22.26
N CYS A 143 10.63 7.49 -21.78
CA CYS A 143 10.33 8.86 -22.27
C CYS A 143 10.87 9.93 -21.33
N ASP A 144 11.55 9.50 -20.26
CA ASP A 144 12.05 10.40 -19.19
C ASP A 144 11.03 11.49 -18.86
N ILE A 145 9.86 11.05 -18.36
CA ILE A 145 8.70 11.92 -18.23
C ILE A 145 8.93 13.07 -17.26
N HIS A 146 8.10 14.10 -17.37
CA HIS A 146 8.17 15.25 -16.45
C HIS A 146 6.80 15.55 -15.90
N GLY A 147 6.75 16.43 -14.90
CA GLY A 147 5.49 16.81 -14.28
C GLY A 147 5.49 18.25 -13.80
N LYS A 148 4.45 18.62 -13.05
CA LYS A 148 4.30 19.99 -12.53
C LYS A 148 5.47 20.43 -11.64
N ASN A 149 6.21 19.47 -11.11
CA ASN A 149 7.33 19.81 -10.23
C ASN A 149 8.72 19.77 -10.89
N HIS A 150 8.78 19.83 -12.22
CA HIS A 150 10.08 19.69 -12.92
C HIS A 150 11.10 20.71 -12.49
N HIS A 151 10.66 21.94 -12.28
CA HIS A 151 11.56 22.99 -11.87
C HIS A 151 12.14 22.78 -10.51
N SER A 152 11.52 21.94 -9.67
CA SER A 152 12.10 21.59 -8.35
C SER A 152 12.70 20.18 -8.23
N ALA A 153 12.18 19.21 -8.99
CA ALA A 153 12.59 17.80 -8.82
C ALA A 153 13.22 17.17 -10.07
N GLY A 154 13.20 17.87 -11.20
CA GLY A 154 13.68 17.29 -12.44
C GLY A 154 12.67 16.33 -13.02
N SER A 155 13.14 15.42 -13.86
CA SER A 155 12.29 14.44 -14.52
C SER A 155 12.54 13.06 -13.98
N PHE A 156 11.77 12.08 -14.46
CA PHE A 156 11.68 10.79 -13.81
C PHE A 156 13.04 10.12 -13.68
N GLY A 157 13.83 10.19 -14.74
CA GLY A 157 15.16 9.62 -14.74
C GLY A 157 16.04 10.06 -13.58
N ASN A 158 15.81 11.24 -13.01
CA ASN A 158 16.69 11.76 -11.94
C ASN A 158 16.51 10.99 -10.63
N HIS A 159 15.47 10.18 -10.56
CA HIS A 159 15.10 9.51 -9.32
C HIS A 159 15.27 8.02 -9.40
N VAL A 160 15.71 7.51 -10.55
CA VAL A 160 16.00 6.10 -10.71
C VAL A 160 17.41 5.86 -10.17
N ARG A 161 17.52 4.98 -9.17
CA ARG A 161 18.83 4.60 -8.59
C ARG A 161 19.41 3.36 -9.24
N SER A 162 18.61 2.55 -9.90
CA SER A 162 19.14 1.44 -10.69
C SER A 162 18.07 0.85 -11.56
N MET A 163 18.47 0.24 -12.68
CA MET A 163 17.56 -0.57 -13.48
C MET A 163 18.29 -1.76 -14.10
N ASP A 164 17.55 -2.84 -14.30
CA ASP A 164 18.05 -4.03 -14.95
C ASP A 164 17.53 -4.01 -16.39
N LEU A 165 18.45 -4.01 -17.35
CA LEU A 165 18.13 -3.83 -18.77
C LEU A 165 18.46 -5.09 -19.58
N LEU A 166 17.45 -5.64 -20.25
CA LEU A 166 17.66 -6.77 -21.17
C LEU A 166 18.22 -6.27 -22.50
N THR A 167 19.52 -6.49 -22.72
CA THR A 167 20.20 -5.96 -23.91
C THR A 167 20.23 -6.97 -25.07
N ALA A 168 20.79 -6.56 -26.21
CA ALA A 168 20.75 -7.34 -27.46
C ALA A 168 21.43 -8.71 -27.37
N ASP A 169 22.48 -8.81 -26.56
CA ASP A 169 23.19 -10.08 -26.35
C ASP A 169 22.46 -11.10 -25.44
N GLY A 170 21.15 -10.93 -25.23
CA GLY A 170 20.39 -11.79 -24.33
C GLY A 170 20.74 -11.67 -22.85
N GLU A 171 21.65 -10.76 -22.52
CA GLU A 171 22.10 -10.57 -21.14
C GLU A 171 21.29 -9.47 -20.43
N ILE A 172 21.19 -9.59 -19.11
CA ILE A 172 20.53 -8.61 -18.27
C ILE A 172 21.56 -7.83 -17.47
N ARG A 173 21.77 -6.57 -17.87
CA ARG A 173 22.79 -5.71 -17.27
C ARG A 173 22.19 -4.80 -16.20
N HIS A 174 22.96 -4.58 -15.13
CA HIS A 174 22.52 -3.85 -13.95
C HIS A 174 23.15 -2.49 -13.93
N LEU A 175 22.36 -1.48 -14.32
CA LEU A 175 22.85 -0.14 -14.58
C LEU A 175 22.56 0.79 -13.41
N THR A 176 23.44 1.77 -13.22
CA THR A 176 23.30 2.80 -12.19
C THR A 176 23.72 4.17 -12.71
N PRO A 177 23.19 5.24 -12.13
CA PRO A 177 23.48 6.57 -12.69
C PRO A 177 24.95 7.02 -12.60
N THR A 178 25.74 6.50 -11.67
CA THR A 178 27.15 6.92 -11.52
C THR A 178 28.17 5.82 -11.69
N GLY A 179 27.73 4.59 -11.96
CA GLY A 179 28.64 3.45 -12.13
C GLY A 179 29.52 3.48 -13.38
N GLU A 180 30.02 2.30 -13.74
CA GLU A 180 30.84 2.14 -14.94
C GLU A 180 29.94 2.10 -16.18
N ASP A 181 28.68 1.70 -15.99
CA ASP A 181 27.71 1.68 -17.07
C ASP A 181 26.80 2.92 -17.05
N ALA A 182 27.32 4.03 -16.51
CA ALA A 182 26.58 5.29 -16.48
C ALA A 182 26.18 5.79 -17.87
N GLU A 183 27.04 5.59 -18.86
CA GLU A 183 26.75 6.05 -20.22
C GLU A 183 25.51 5.35 -20.78
N LEU A 184 25.39 4.06 -20.50
CA LEU A 184 24.28 3.27 -21.01
C LEU A 184 22.98 3.52 -20.21
N PHE A 185 23.14 3.83 -18.93
CA PHE A 185 22.02 4.18 -18.08
C PHE A 185 21.37 5.43 -18.66
N TRP A 186 22.18 6.47 -18.87
CA TRP A 186 21.69 7.74 -19.38
C TRP A 186 21.25 7.68 -20.82
N ALA A 187 21.66 6.67 -21.55
CA ALA A 187 21.17 6.47 -22.92
C ALA A 187 19.79 5.81 -22.89
N THR A 188 19.54 5.04 -21.85
CA THR A 188 18.26 4.37 -21.69
C THR A 188 17.20 5.34 -21.20
N VAL A 189 17.61 6.32 -20.39
CA VAL A 189 16.70 7.35 -19.91
C VAL A 189 16.40 8.22 -21.09
N GLY A 190 15.13 8.30 -21.48
CA GLY A 190 14.75 9.08 -22.65
C GLY A 190 15.10 8.38 -23.97
N GLY A 191 15.51 7.12 -23.89
CA GLY A 191 15.91 6.35 -25.06
C GLY A 191 14.80 5.66 -25.82
N ASN A 192 13.56 5.83 -25.37
CA ASN A 192 12.37 5.30 -26.08
C ASN A 192 12.47 3.83 -26.40
N GLY A 193 13.05 3.04 -25.51
CA GLY A 193 13.11 1.59 -25.69
C GLY A 193 14.20 1.06 -26.61
N LEU A 194 15.02 1.95 -27.17
CA LEU A 194 15.95 1.56 -28.21
C LEU A 194 17.31 1.04 -27.69
N THR A 195 17.47 0.89 -26.39
CA THR A 195 18.68 0.22 -25.85
C THR A 195 18.38 -1.17 -25.29
N GLY A 196 17.11 -1.61 -25.34
CA GLY A 196 16.70 -2.85 -24.69
C GLY A 196 15.51 -2.68 -23.76
N ILE A 197 15.14 -3.76 -23.08
CA ILE A 197 13.95 -3.78 -22.24
C ILE A 197 14.32 -3.54 -20.79
N ILE A 198 13.69 -2.56 -20.17
CA ILE A 198 13.87 -2.30 -18.77
C ILE A 198 12.94 -3.32 -18.14
N MET A 199 13.50 -4.24 -17.35
CA MET A 199 12.74 -5.29 -16.72
C MET A 199 12.36 -4.90 -15.30
N ARG A 200 13.24 -4.15 -14.65
CA ARG A 200 13.13 -3.93 -13.22
C ARG A 200 13.93 -2.69 -12.83
N ALA A 201 13.44 -1.96 -11.84
CA ALA A 201 14.07 -0.73 -11.44
C ALA A 201 13.87 -0.42 -9.96
N THR A 202 14.76 0.40 -9.43
CA THR A 202 14.69 0.89 -8.09
C THR A 202 14.56 2.40 -8.22
N ILE A 203 13.56 2.97 -7.56
CA ILE A 203 13.30 4.41 -7.58
C ILE A 203 13.41 4.96 -6.15
N GLU A 204 14.02 6.13 -6.01
CA GLU A 204 14.00 6.87 -4.75
C GLU A 204 12.74 7.75 -4.71
N MET A 205 11.94 7.57 -3.68
CA MET A 205 10.69 8.28 -3.54
C MET A 205 10.92 9.52 -2.70
N THR A 206 9.93 10.40 -2.71
CA THR A 206 9.94 11.64 -1.96
C THR A 206 9.18 11.39 -0.66
N PRO A 207 9.81 11.69 0.49
CA PRO A 207 9.04 11.56 1.74
C PRO A 207 7.89 12.58 1.80
N THR A 208 6.78 12.16 2.38
CA THR A 208 5.60 13.01 2.57
C THR A 208 4.86 12.55 3.81
N SER A 209 4.31 13.49 4.56
CA SER A 209 3.42 13.16 5.65
C SER A 209 1.96 13.22 5.21
N THR A 210 1.70 13.56 3.95
CA THR A 210 0.31 13.73 3.51
C THR A 210 0.08 13.42 2.04
N ALA A 211 -1.15 13.04 1.70
CA ALA A 211 -1.57 12.86 0.31
C ALA A 211 -2.21 14.12 -0.27
N TYR A 212 -2.02 15.27 0.37
CA TYR A 212 -2.74 16.50 0.01
C TYR A 212 -1.78 17.61 -0.39
N PHE A 213 -2.28 18.58 -1.16
CA PHE A 213 -1.54 19.76 -1.51
C PHE A 213 -2.14 20.99 -0.86
N ILE A 214 -1.31 21.99 -0.62
CA ILE A 214 -1.76 23.35 -0.32
C ILE A 214 -1.40 24.23 -1.51
N ALA A 215 -2.41 24.86 -2.10
CA ALA A 215 -2.29 25.51 -3.41
C ALA A 215 -2.67 27.01 -3.43
N ASP A 216 -1.88 27.79 -4.16
CA ASP A 216 -2.17 29.18 -4.45
C ASP A 216 -2.57 29.29 -5.91
N GLY A 217 -3.52 30.18 -6.18
CA GLY A 217 -4.06 30.40 -7.52
C GLY A 217 -3.92 31.84 -7.93
N ASP A 218 -3.60 32.06 -9.20
CA ASP A 218 -3.41 33.39 -9.74
C ASP A 218 -3.92 33.43 -11.17
N VAL A 219 -4.52 34.53 -11.56
CA VAL A 219 -5.00 34.69 -12.93
C VAL A 219 -4.35 35.93 -13.55
N THR A 220 -3.82 35.76 -14.75
CA THR A 220 -3.15 36.82 -15.49
C THR A 220 -4.08 37.25 -16.59
N ALA A 221 -3.85 38.45 -17.12
CA ALA A 221 -4.71 39.04 -18.14
C ALA A 221 -4.06 39.02 -19.52
N SER A 222 -2.83 38.53 -19.60
CA SER A 222 -2.07 38.61 -20.84
C SER A 222 -0.81 37.75 -20.81
N LEU A 223 -0.24 37.51 -21.99
CA LEU A 223 1.00 36.75 -22.12
C LEU A 223 2.12 37.39 -21.31
N ASP A 224 2.24 38.71 -21.37
CA ASP A 224 3.34 39.41 -20.69
C ASP A 224 3.21 39.35 -19.17
N GLU A 225 1.99 39.23 -18.66
CA GLU A 225 1.80 39.05 -17.22
C GLU A 225 2.24 37.64 -16.81
N THR A 226 1.75 36.64 -17.55
CA THR A 226 2.12 35.24 -17.31
C THR A 226 3.63 35.07 -17.18
N ILE A 227 4.35 35.67 -18.12
CA ILE A 227 5.79 35.60 -18.15
C ILE A 227 6.40 36.33 -16.95
N ALA A 228 5.81 37.48 -16.62
CA ALA A 228 6.27 38.30 -15.48
C ALA A 228 6.15 37.50 -14.19
N LEU A 229 4.99 36.87 -14.03
CA LEU A 229 4.73 36.03 -12.86
C LEU A 229 5.77 34.92 -12.73
N HIS A 230 6.13 34.31 -13.85
CA HIS A 230 7.08 33.19 -13.85
C HIS A 230 8.52 33.62 -13.82
N SER A 231 8.78 34.92 -13.93
CA SER A 231 10.15 35.46 -13.87
C SER A 231 10.51 36.19 -12.57
N ASP A 232 9.51 36.56 -11.77
CA ASP A 232 9.73 37.45 -10.61
C ASP A 232 10.41 36.80 -9.39
N GLY A 233 10.56 35.48 -9.41
CA GLY A 233 11.17 34.75 -8.31
C GLY A 233 10.20 33.93 -7.45
N SER A 234 8.89 34.09 -7.67
CA SER A 234 7.89 33.34 -6.90
C SER A 234 7.94 31.82 -7.13
N GLU A 235 8.41 31.39 -8.30
CA GLU A 235 8.52 29.96 -8.60
C GLU A 235 9.34 29.16 -7.57
N ALA A 236 10.35 29.78 -6.97
CA ALA A 236 11.22 29.09 -5.99
C ALA A 236 10.50 28.75 -4.67
N ARG A 237 9.37 29.38 -4.41
CA ARG A 237 8.59 29.07 -3.18
C ARG A 237 7.59 27.92 -3.37
N TYR A 238 7.48 27.41 -4.59
CA TYR A 238 6.55 26.33 -4.90
C TYR A 238 7.27 25.15 -5.51
N THR A 239 6.93 23.95 -5.08
CA THR A 239 7.50 22.75 -5.66
C THR A 239 6.76 22.32 -6.94
N TYR A 240 5.47 22.64 -7.04
CA TYR A 240 4.62 22.26 -8.16
C TYR A 240 4.03 23.49 -8.77
N SER A 241 4.03 23.57 -10.09
CA SER A 241 3.48 24.73 -10.78
C SER A 241 3.17 24.41 -12.24
N SER A 242 2.03 24.91 -12.72
CA SER A 242 1.61 24.79 -14.14
C SER A 242 0.45 25.77 -14.38
N ALA A 243 0.11 26.04 -15.64
CA ALA A 243 -0.95 27.01 -15.91
C ALA A 243 -1.80 26.58 -17.09
N TRP A 244 -3.10 26.87 -17.04
CA TRP A 244 -3.94 26.81 -18.23
C TRP A 244 -3.79 28.07 -19.00
N PHE A 245 -3.77 27.98 -20.33
CA PHE A 245 -3.21 29.03 -21.17
C PHE A 245 -4.12 29.35 -22.37
N ASP A 246 -4.53 30.61 -22.54
CA ASP A 246 -5.34 31.04 -23.73
C ASP A 246 -4.47 31.14 -24.99
N ALA A 247 -4.76 30.32 -25.99
CA ALA A 247 -4.04 30.36 -27.29
C ALA A 247 -4.92 30.81 -28.49
N ILE A 248 -6.15 31.22 -28.20
CA ILE A 248 -7.11 31.60 -29.25
C ILE A 248 -7.35 33.11 -29.32
N SER A 249 -7.76 33.69 -28.20
CA SER A 249 -8.01 35.13 -28.12
C SER A 249 -6.82 35.94 -28.63
N ALA A 250 -7.10 36.95 -29.46
CA ALA A 250 -6.04 37.80 -30.04
C ALA A 250 -5.38 38.65 -28.96
N PRO A 251 -4.19 39.23 -29.26
CA PRO A 251 -3.59 40.15 -28.28
C PRO A 251 -4.52 41.34 -28.07
N PRO A 252 -4.60 41.88 -26.85
CA PRO A 252 -3.76 41.68 -25.65
C PRO A 252 -4.01 40.39 -24.82
N LYS A 253 -5.22 39.84 -24.91
CA LYS A 253 -5.61 38.62 -24.17
C LYS A 253 -4.71 37.38 -24.39
N LEU A 254 -4.18 37.23 -25.58
CA LEU A 254 -3.35 36.06 -25.89
C LEU A 254 -2.41 35.71 -24.73
N GLY A 255 -2.46 34.45 -24.29
CA GLY A 255 -1.54 33.94 -23.28
C GLY A 255 -1.83 34.32 -21.85
N ARG A 256 -3.03 34.85 -21.60
CA ARG A 256 -3.53 34.96 -20.25
C ARG A 256 -3.68 33.54 -19.74
N ALA A 257 -3.59 33.35 -18.42
CA ALA A 257 -3.58 32.00 -17.86
C ALA A 257 -4.23 31.89 -16.49
N ALA A 258 -4.69 30.68 -16.17
CA ALA A 258 -5.00 30.31 -14.78
C ALA A 258 -3.80 29.54 -14.21
N VAL A 259 -3.02 30.19 -13.36
CA VAL A 259 -1.85 29.56 -12.75
C VAL A 259 -2.20 28.90 -11.43
N SER A 260 -1.72 27.67 -11.26
CA SER A 260 -1.96 26.86 -10.08
C SER A 260 -0.63 26.38 -9.52
N ARG A 261 -0.30 26.78 -8.29
CA ARG A 261 0.99 26.44 -7.68
C ARG A 261 0.83 25.92 -6.26
N GLY A 262 1.81 25.18 -5.78
CA GLY A 262 1.75 24.70 -4.43
C GLY A 262 2.79 23.70 -4.04
N ARG A 263 2.44 22.90 -3.05
CA ARG A 263 3.34 21.96 -2.45
C ARG A 263 2.55 20.96 -1.64
N LEU A 264 3.19 19.84 -1.32
CA LEU A 264 2.56 18.85 -0.44
C LEU A 264 2.33 19.46 0.93
N ALA A 265 1.17 19.17 1.51
CA ALA A 265 0.80 19.67 2.84
C ALA A 265 1.44 18.82 3.93
N THR A 266 1.85 19.44 5.04
CA THR A 266 2.20 18.70 6.27
C THR A 266 0.92 18.40 7.02
N VAL A 267 1.00 17.47 7.99
CA VAL A 267 -0.16 17.09 8.79
C VAL A 267 -0.72 18.29 9.56
N GLU A 268 0.17 19.13 10.08
CA GLU A 268 -0.22 20.33 10.83
C GLU A 268 -1.12 21.30 10.03
N GLN A 269 -0.99 21.29 8.69
CA GLN A 269 -1.76 22.21 7.83
C GLN A 269 -3.09 21.66 7.32
N LEU A 270 -3.46 20.44 7.69
CA LEU A 270 -4.74 19.90 7.27
C LEU A 270 -5.84 20.34 8.23
N PRO A 271 -7.08 20.42 7.74
CA PRO A 271 -8.20 20.66 8.65
C PRO A 271 -8.54 19.44 9.48
N ALA A 272 -9.23 19.68 10.59
CA ALA A 272 -9.68 18.64 11.53
C ALA A 272 -10.11 17.33 10.87
N LYS A 273 -11.08 17.44 9.95
CA LYS A 273 -11.71 16.28 9.33
C LYS A 273 -10.73 15.30 8.66
N LEU A 274 -9.64 15.83 8.09
CA LEU A 274 -8.68 15.03 7.32
C LEU A 274 -7.47 14.51 8.11
N ARG A 275 -7.25 15.02 9.33
CA ARG A 275 -6.07 14.66 10.12
C ARG A 275 -6.02 13.20 10.61
N SER A 276 -7.16 12.51 10.62
CA SER A 276 -7.21 11.11 11.03
C SER A 276 -6.75 10.14 9.93
N GLU A 277 -6.83 10.57 8.67
CA GLU A 277 -6.45 9.74 7.52
C GLU A 277 -5.66 10.58 6.50
N PRO A 278 -4.51 11.10 6.93
CA PRO A 278 -3.80 12.10 6.12
C PRO A 278 -3.14 11.54 4.85
N LEU A 279 -2.89 10.23 4.82
CA LEU A 279 -2.26 9.57 3.69
C LEU A 279 -3.28 8.82 2.81
N LYS A 280 -4.56 9.14 2.93
CA LYS A 280 -5.60 8.50 2.11
C LYS A 280 -5.61 8.93 0.64
N PHE A 281 -6.10 8.05 -0.23
CA PHE A 281 -6.75 8.49 -1.46
C PHE A 281 -7.96 7.62 -1.79
N ASP A 282 -9.11 8.26 -2.01
CA ASP A 282 -10.34 7.56 -2.41
C ASP A 282 -11.18 8.46 -3.31
N LEU A 297 -23.15 23.78 -18.79
CA LEU A 297 -22.20 24.58 -18.02
C LEU A 297 -22.25 26.07 -18.42
N ALA A 298 -22.12 26.35 -19.71
CA ALA A 298 -22.13 27.73 -20.22
C ALA A 298 -23.52 28.36 -20.09
N ASN A 299 -23.54 29.67 -19.84
CA ASN A 299 -24.79 30.45 -19.78
C ASN A 299 -24.62 31.78 -20.50
N LYS A 300 -25.62 32.65 -20.38
CA LYS A 300 -25.59 33.97 -21.02
C LYS A 300 -24.50 34.91 -20.49
N TYR A 301 -24.04 34.67 -19.27
CA TYR A 301 -23.02 35.49 -18.61
C TYR A 301 -21.60 35.15 -19.07
N THR A 302 -21.35 33.87 -19.30
CA THR A 302 -19.99 33.31 -19.42
C THR A 302 -18.98 34.13 -20.21
N PHE A 303 -19.39 34.74 -21.32
CA PHE A 303 -18.47 35.46 -22.20
C PHE A 303 -18.45 36.98 -22.02
N GLY A 304 -19.32 37.50 -21.14
CA GLY A 304 -19.32 38.91 -20.81
C GLY A 304 -18.57 39.26 -19.53
N PRO A 305 -18.64 40.54 -19.11
CA PRO A 305 -17.92 41.04 -17.94
C PRO A 305 -18.18 40.28 -16.64
N ILE A 306 -19.39 39.80 -16.41
CA ILE A 306 -19.67 39.02 -15.20
C ILE A 306 -18.89 37.69 -15.18
N GLY A 307 -18.80 37.03 -16.33
CA GLY A 307 -17.98 35.82 -16.44
C GLY A 307 -16.50 36.08 -16.24
N GLU A 308 -15.97 37.15 -16.84
CA GLU A 308 -14.57 37.54 -16.60
C GLU A 308 -14.28 37.75 -15.12
N LEU A 309 -15.20 38.43 -14.40
CA LEU A 309 -15.09 38.63 -12.95
C LEU A 309 -15.14 37.34 -12.16
N TRP A 310 -16.05 36.45 -12.56
CA TRP A 310 -16.26 35.19 -11.86
C TRP A 310 -15.08 34.28 -11.98
N TYR A 311 -14.61 34.12 -13.21
CA TYR A 311 -13.43 33.33 -13.54
C TYR A 311 -12.19 33.85 -12.79
N ARG A 312 -12.00 35.15 -12.81
CA ARG A 312 -10.93 35.82 -12.03
C ARG A 312 -11.05 35.52 -10.53
N LYS A 313 -12.27 35.49 -10.02
CA LYS A 313 -12.48 35.20 -8.61
C LYS A 313 -12.15 33.74 -8.32
N SER A 314 -12.73 32.83 -9.09
CA SER A 314 -12.53 31.39 -8.90
C SER A 314 -11.07 30.96 -8.97
N GLY A 315 -10.31 31.59 -9.85
CA GLY A 315 -8.92 31.22 -10.06
C GLY A 315 -7.94 31.96 -9.18
N THR A 316 -8.42 32.83 -8.30
CA THR A 316 -7.58 33.51 -7.32
C THR A 316 -7.87 32.99 -5.89
N TYR A 317 -6.85 32.46 -5.22
CA TYR A 317 -7.02 31.88 -3.88
C TYR A 317 -5.66 31.62 -3.24
N ARG A 318 -5.65 31.50 -1.90
CA ARG A 318 -4.44 31.22 -1.13
C ARG A 318 -4.69 30.09 -0.12
N GLY A 319 -3.73 29.19 0.00
CA GLY A 319 -3.77 28.12 0.98
C GLY A 319 -4.97 27.20 0.90
N LYS A 320 -5.50 26.96 -0.29
CA LYS A 320 -6.54 25.96 -0.46
C LYS A 320 -5.92 24.57 -0.33
N VAL A 321 -6.48 23.75 0.54
CA VAL A 321 -6.10 22.34 0.66
C VAL A 321 -6.79 21.56 -0.45
N GLN A 322 -6.03 20.70 -1.12
CA GLN A 322 -6.52 19.99 -2.30
C GLN A 322 -5.94 18.59 -2.39
N ASN A 323 -6.74 17.64 -2.87
CA ASN A 323 -6.28 16.28 -3.12
C ASN A 323 -5.70 16.19 -4.52
N LEU A 324 -5.16 15.01 -4.86
CA LEU A 324 -4.50 14.76 -6.12
C LEU A 324 -5.37 15.12 -7.33
N THR A 325 -6.57 14.55 -7.42
CA THR A 325 -7.48 14.91 -8.51
C THR A 325 -7.69 16.43 -8.62
N GLN A 326 -8.04 17.07 -7.50
CA GLN A 326 -8.37 18.50 -7.53
C GLN A 326 -7.21 19.37 -8.00
N PHE A 327 -6.00 19.02 -7.58
CA PHE A 327 -4.82 19.81 -7.89
C PHE A 327 -4.14 19.35 -9.16
N TYR A 328 -3.96 18.05 -9.32
CA TYR A 328 -3.06 17.51 -10.35
C TYR A 328 -3.77 17.07 -11.62
N HIS A 329 -5.02 16.65 -11.49
CA HIS A 329 -5.82 16.23 -12.65
C HIS A 329 -7.15 16.96 -12.70
N PRO A 330 -7.11 18.31 -12.79
CA PRO A 330 -8.38 19.07 -12.75
C PRO A 330 -9.34 18.78 -13.91
N LEU A 331 -8.83 18.18 -14.98
CA LEU A 331 -9.66 17.74 -16.10
C LEU A 331 -10.65 16.64 -15.68
N ASP A 332 -10.28 15.85 -14.66
CA ASP A 332 -11.16 14.79 -14.14
C ASP A 332 -12.38 15.34 -13.41
N MET A 333 -13.49 14.60 -13.53
CA MET A 333 -14.73 14.89 -12.83
C MET A 333 -15.20 16.33 -13.08
N ALA A 344 -9.80 11.00 -30.43
CA ALA A 344 -9.38 10.99 -31.83
C ALA A 344 -9.85 12.24 -32.58
N GLY A 345 -9.14 12.57 -33.67
CA GLY A 345 -9.38 13.80 -34.43
C GLY A 345 -8.65 15.01 -33.87
N PHE A 346 -7.52 14.78 -33.20
CA PHE A 346 -6.71 15.87 -32.64
C PHE A 346 -5.23 15.59 -32.82
N LEU A 347 -4.45 16.65 -32.86
CA LEU A 347 -3.01 16.54 -32.94
C LEU A 347 -2.44 17.21 -31.72
N GLN A 348 -1.78 16.41 -30.90
CA GLN A 348 -1.10 16.89 -29.71
C GLN A 348 0.29 17.39 -30.11
N TYR A 349 0.64 18.57 -29.63
CA TYR A 349 1.92 19.17 -29.97
C TYR A 349 2.52 19.86 -28.75
N GLN A 350 3.71 19.42 -28.34
CA GLN A 350 4.42 19.96 -27.19
C GLN A 350 5.86 20.33 -27.53
N PHE A 351 6.27 21.52 -27.13
CA PHE A 351 7.63 22.00 -27.35
C PHE A 351 8.06 22.90 -26.21
N VAL A 352 9.37 23.07 -26.05
CA VAL A 352 9.95 23.95 -25.06
C VAL A 352 10.93 24.88 -25.77
N ILE A 353 10.92 26.15 -25.41
CA ILE A 353 11.84 27.14 -25.91
C ILE A 353 12.78 27.56 -24.76
N PRO A 354 14.08 27.72 -25.04
CA PRO A 354 15.06 28.17 -24.04
C PRO A 354 14.60 29.39 -23.23
N THR A 355 14.98 29.45 -21.96
CA THR A 355 14.53 30.50 -21.04
C THR A 355 14.83 31.90 -21.54
N GLU A 356 16.07 32.10 -21.98
CA GLU A 356 16.53 33.40 -22.49
C GLU A 356 15.74 33.92 -23.68
N ALA A 357 15.24 33.02 -24.53
CA ALA A 357 14.55 33.43 -25.76
C ALA A 357 13.06 33.71 -25.50
N VAL A 358 12.80 34.56 -24.53
CA VAL A 358 11.45 34.93 -24.16
C VAL A 358 10.70 35.64 -25.32
N ASP A 359 11.35 36.56 -26.03
CA ASP A 359 10.74 37.23 -27.19
C ASP A 359 10.33 36.26 -28.29
N GLU A 360 11.18 35.27 -28.53
CA GLU A 360 10.93 34.26 -29.54
C GLU A 360 9.75 33.37 -29.15
N PHE A 361 9.63 33.06 -27.86
CA PHE A 361 8.44 32.38 -27.34
C PHE A 361 7.15 33.17 -27.58
N LYS A 362 7.17 34.47 -27.34
CA LYS A 362 5.98 35.29 -27.59
C LYS A 362 5.57 35.20 -29.05
N LYS A 363 6.55 35.29 -29.93
CA LYS A 363 6.32 35.19 -31.36
C LYS A 363 5.62 33.89 -31.75
N ILE A 364 6.17 32.74 -31.32
CA ILE A 364 5.57 31.44 -31.64
C ILE A 364 4.11 31.38 -31.21
N ILE A 365 3.82 31.86 -30.01
CA ILE A 365 2.45 31.88 -29.50
C ILE A 365 1.54 32.75 -30.37
N GLY A 366 2.06 33.87 -30.85
CA GLY A 366 1.33 34.73 -31.81
C GLY A 366 1.10 34.08 -33.16
N VAL A 367 2.08 33.33 -33.62
CA VAL A 367 1.93 32.58 -34.86
C VAL A 367 0.84 31.52 -34.76
N ILE A 368 0.58 31.02 -33.56
CA ILE A 368 -0.40 29.97 -33.35
C ILE A 368 -1.83 30.50 -33.34
N GLN A 369 -2.09 31.61 -32.66
CA GLN A 369 -3.47 32.14 -32.62
C GLN A 369 -3.87 32.77 -33.95
N ALA A 370 -2.92 33.38 -34.65
CA ALA A 370 -3.17 33.91 -36.00
C ALA A 370 -3.35 32.83 -37.08
N SER A 371 -3.03 31.57 -36.76
CA SER A 371 -3.00 30.50 -37.76
C SER A 371 -4.34 29.97 -38.26
N GLY A 372 -5.44 30.27 -37.57
CA GLY A 372 -6.72 29.66 -37.89
C GLY A 372 -6.96 28.28 -37.26
N HIS A 373 -5.97 27.79 -36.52
CA HIS A 373 -6.07 26.52 -35.82
C HIS A 373 -6.24 26.78 -34.35
N TYR A 374 -7.38 26.37 -33.82
CA TYR A 374 -7.77 26.75 -32.47
C TYR A 374 -7.50 25.60 -31.48
N SER A 375 -6.77 25.93 -30.42
CA SER A 375 -6.47 24.98 -29.35
C SER A 375 -7.05 25.55 -28.06
N PHE A 376 -7.96 24.80 -27.44
CA PHE A 376 -8.64 25.27 -26.23
C PHE A 376 -7.93 24.84 -24.94
N LEU A 377 -7.39 23.63 -24.94
CA LEU A 377 -6.75 23.04 -23.75
C LEU A 377 -5.22 23.15 -23.82
N ASN A 378 -4.67 24.21 -23.24
CA ASN A 378 -3.22 24.42 -23.31
C ASN A 378 -2.58 24.49 -21.94
N VAL A 379 -1.50 23.72 -21.75
CA VAL A 379 -0.74 23.72 -20.51
C VAL A 379 0.59 24.44 -20.69
N PHE A 380 0.89 25.37 -19.80
CA PHE A 380 2.12 26.13 -19.80
C PHE A 380 2.94 25.85 -18.54
N LYS A 381 4.25 25.77 -18.67
CA LYS A 381 5.14 25.61 -17.54
C LYS A 381 6.54 26.14 -17.83
N LEU A 382 7.20 26.70 -16.82
CA LEU A 382 8.65 26.94 -16.90
C LEU A 382 9.39 25.71 -16.35
N PHE A 383 10.15 25.03 -17.21
CA PHE A 383 11.00 23.93 -16.81
C PHE A 383 12.26 24.43 -16.13
N GLY A 384 12.82 23.61 -15.23
CA GLY A 384 14.08 23.90 -14.54
C GLY A 384 15.30 23.26 -15.20
N PRO A 385 16.42 23.11 -14.47
CA PRO A 385 17.61 22.50 -15.07
C PRO A 385 17.37 21.12 -15.72
N ARG A 386 18.17 20.79 -16.74
CA ARG A 386 18.10 19.51 -17.44
C ARG A 386 18.97 18.44 -16.79
N ASN A 387 18.83 17.20 -17.26
CA ASN A 387 19.65 16.08 -16.77
C ASN A 387 20.67 15.63 -17.81
N GLN A 388 21.43 14.58 -17.50
CA GLN A 388 22.54 14.13 -18.36
C GLN A 388 22.08 13.32 -19.55
N ALA A 389 20.81 12.94 -19.63
CA ALA A 389 20.36 12.07 -20.72
C ALA A 389 20.38 12.81 -22.08
N PRO A 390 21.12 12.28 -23.06
CA PRO A 390 21.25 13.02 -24.32
C PRO A 390 19.93 13.22 -25.09
N LEU A 391 18.99 12.28 -25.01
CA LEU A 391 17.70 12.44 -25.67
C LEU A 391 16.57 12.89 -24.74
N SER A 392 16.90 13.37 -23.56
CA SER A 392 15.88 13.89 -22.66
C SER A 392 15.27 15.17 -23.26
N PHE A 393 13.94 15.25 -23.22
CA PHE A 393 13.21 16.39 -23.79
C PHE A 393 13.38 17.67 -22.99
N PRO A 394 13.15 17.63 -21.67
CA PRO A 394 13.13 18.90 -20.95
C PRO A 394 14.46 19.64 -20.92
N ILE A 395 14.40 20.94 -21.21
CA ILE A 395 15.50 21.86 -20.97
C ILE A 395 14.92 23.09 -20.27
N PRO A 396 15.76 23.86 -19.56
CA PRO A 396 15.20 25.03 -18.90
C PRO A 396 14.59 26.00 -19.90
N GLY A 397 13.33 26.34 -19.68
CA GLY A 397 12.63 27.30 -20.53
C GLY A 397 11.12 27.10 -20.55
N TRP A 398 10.50 27.68 -21.56
CA TRP A 398 9.06 27.79 -21.63
C TRP A 398 8.43 26.61 -22.34
N ASN A 399 7.77 25.75 -21.59
CA ASN A 399 7.16 24.54 -22.13
C ASN A 399 5.70 24.80 -22.39
N ILE A 400 5.21 24.38 -23.54
CA ILE A 400 3.79 24.48 -23.80
C ILE A 400 3.25 23.26 -24.54
N CYS A 401 2.05 22.80 -24.16
CA CYS A 401 1.36 21.73 -24.88
C CYS A 401 0.07 22.31 -25.46
N VAL A 402 -0.18 22.00 -26.72
CA VAL A 402 -1.37 22.45 -27.42
C VAL A 402 -2.01 21.23 -28.06
N ASP A 403 -3.27 21.39 -28.46
CA ASP A 403 -4.09 20.28 -28.94
C ASP A 403 -4.96 20.81 -30.08
N PHE A 404 -4.58 20.46 -31.30
CA PHE A 404 -5.24 20.98 -32.49
C PHE A 404 -6.23 20.00 -33.07
N PRO A 405 -7.43 20.48 -33.44
CA PRO A 405 -8.35 19.66 -34.23
C PRO A 405 -7.77 19.33 -35.59
N ILE A 406 -7.83 18.07 -36.00
CA ILE A 406 -7.35 17.67 -37.31
C ILE A 406 -8.25 18.23 -38.40
N LYS A 407 -7.70 19.16 -39.18
CA LYS A 407 -8.39 19.72 -40.33
C LYS A 407 -7.39 20.13 -41.41
N ASP A 408 -7.93 20.45 -42.59
CA ASP A 408 -7.13 20.84 -43.74
C ASP A 408 -6.15 21.98 -43.42
N GLY A 409 -4.91 21.79 -43.83
CA GLY A 409 -3.85 22.75 -43.59
C GLY A 409 -2.99 22.48 -42.36
N LEU A 410 -3.45 21.61 -41.45
CA LEU A 410 -2.77 21.41 -40.16
C LEU A 410 -1.37 20.87 -40.31
N GLY A 411 -1.23 19.81 -41.11
CA GLY A 411 0.06 19.13 -41.27
C GLY A 411 1.14 20.12 -41.68
N LYS A 412 0.84 20.90 -42.72
CA LYS A 412 1.79 21.84 -43.26
C LYS A 412 2.04 23.02 -42.31
N PHE A 413 1.05 23.39 -41.50
CA PHE A 413 1.23 24.43 -40.52
C PHE A 413 2.13 23.95 -39.37
N VAL A 414 1.98 22.68 -38.99
CA VAL A 414 2.76 22.13 -37.90
C VAL A 414 4.22 21.95 -38.31
N SER A 415 4.48 21.65 -39.57
CA SER A 415 5.86 21.61 -40.10
C SER A 415 6.52 22.97 -39.98
N GLU A 416 5.82 24.01 -40.36
CA GLU A 416 6.36 25.36 -40.21
C GLU A 416 6.61 25.71 -38.74
N LEU A 417 5.76 25.21 -37.84
CA LEU A 417 5.99 25.39 -36.41
C LEU A 417 7.29 24.69 -35.94
N ASP A 418 7.50 23.46 -36.40
CA ASP A 418 8.74 22.73 -36.15
C ASP A 418 9.95 23.60 -36.43
N ARG A 419 9.88 24.32 -37.54
CA ARG A 419 10.96 25.14 -38.04
C ARG A 419 11.20 26.33 -37.11
N ARG A 420 10.13 26.97 -36.66
CA ARG A 420 10.29 28.07 -35.72
C ARG A 420 10.85 27.56 -34.39
N VAL A 421 10.39 26.39 -33.95
CA VAL A 421 10.86 25.79 -32.71
C VAL A 421 12.34 25.47 -32.82
N LEU A 422 12.76 24.87 -33.93
CA LEU A 422 14.17 24.59 -34.20
C LEU A 422 15.00 25.89 -34.24
N GLU A 423 14.58 26.83 -35.05
CA GLU A 423 15.31 28.09 -35.20
C GLU A 423 15.52 28.77 -33.85
N PHE A 424 14.55 28.61 -32.95
CA PHE A 424 14.62 29.26 -31.65
C PHE A 424 15.28 28.43 -30.54
N GLY A 425 15.99 27.38 -30.89
CA GLY A 425 16.76 26.59 -29.92
C GLY A 425 15.97 25.60 -29.10
N GLY A 426 14.70 25.41 -29.44
CA GLY A 426 13.81 24.54 -28.68
C GLY A 426 13.69 23.20 -29.33
N ARG A 427 12.80 22.36 -28.81
CA ARG A 427 12.64 21.02 -29.36
C ARG A 427 11.23 20.50 -29.14
N LEU A 428 10.86 19.44 -29.84
CA LEU A 428 9.61 18.70 -29.61
C LEU A 428 9.86 17.47 -28.78
N TYR A 429 8.76 16.96 -28.18
CA TYR A 429 8.75 15.80 -27.31
C TYR A 429 8.32 14.57 -28.09
N THR A 430 9.17 13.53 -28.08
CA THR A 430 8.88 12.29 -28.83
C THR A 430 7.59 11.63 -28.37
N ALA A 431 7.30 11.71 -27.08
CA ALA A 431 6.11 11.09 -26.53
C ALA A 431 4.82 11.69 -27.10
N LYS A 432 4.92 12.86 -27.74
CA LYS A 432 3.75 13.54 -28.29
C LYS A 432 3.81 13.71 -29.82
N ASP A 433 4.69 12.97 -30.49
CA ASP A 433 4.93 13.20 -31.91
C ASP A 433 5.00 11.93 -32.74
N SER A 434 4.46 12.03 -33.96
CA SER A 434 4.51 10.95 -34.95
C SER A 434 4.72 11.47 -36.38
N ARG A 435 4.95 12.76 -36.52
CA ARG A 435 4.94 13.44 -37.84
C ARG A 435 6.20 14.25 -38.18
N THR A 436 7.11 14.50 -37.24
CA THR A 436 8.30 15.30 -37.56
C THR A 436 9.37 14.50 -38.35
N THR A 437 10.25 15.22 -39.02
CA THR A 437 11.27 14.58 -39.86
C THR A 437 12.57 14.36 -39.10
N ALA A 438 13.30 13.33 -39.52
CA ALA A 438 14.61 13.00 -38.98
C ALA A 438 15.54 14.19 -38.95
N GLU A 439 15.54 15.00 -40.00
CA GLU A 439 16.45 16.13 -40.08
C GLU A 439 16.15 17.18 -39.01
N THR A 440 14.87 17.46 -38.82
CA THR A 440 14.43 18.36 -37.77
C THR A 440 14.80 17.80 -36.41
N PHE A 441 14.48 16.55 -36.19
CA PHE A 441 14.76 15.94 -34.92
C PHE A 441 16.23 16.09 -34.58
N HIS A 442 17.09 15.73 -35.53
CA HIS A 442 18.53 15.67 -35.28
C HIS A 442 19.12 16.98 -34.90
N ALA A 443 18.60 18.05 -35.48
CA ALA A 443 19.10 19.38 -35.17
C ALA A 443 18.58 19.85 -33.80
N MET A 444 17.37 19.41 -33.45
CA MET A 444 16.75 19.76 -32.17
C MET A 444 17.44 19.11 -30.97
N TYR A 445 18.02 17.93 -31.20
CA TYR A 445 18.76 17.15 -30.21
C TYR A 445 20.22 16.93 -30.68
N PRO A 446 21.07 17.95 -30.51
CA PRO A 446 22.49 17.88 -30.96
C PRO A 446 23.36 16.74 -30.37
N ARG A 447 22.95 16.17 -29.24
CA ARG A 447 23.63 15.00 -28.71
C ARG A 447 23.09 13.68 -29.26
N VAL A 448 22.26 13.72 -30.29
CA VAL A 448 21.74 12.48 -30.84
C VAL A 448 22.88 11.58 -31.31
N ASP A 449 23.91 12.15 -31.92
CA ASP A 449 25.06 11.38 -32.42
C ASP A 449 25.80 10.67 -31.31
N GLU A 450 26.06 11.39 -30.22
CA GLU A 450 26.58 10.80 -28.99
C GLU A 450 25.72 9.60 -28.59
N TRP A 451 24.40 9.82 -28.59
CA TRP A 451 23.44 8.75 -28.24
C TRP A 451 23.49 7.58 -29.20
N ILE A 452 23.55 7.87 -30.48
CA ILE A 452 23.58 6.82 -31.48
C ILE A 452 24.80 5.92 -31.28
N SER A 453 25.95 6.51 -30.98
CA SER A 453 27.18 5.76 -30.66
C SER A 453 27.01 4.77 -29.53
N VAL A 454 26.41 5.21 -28.42
CA VAL A 454 26.13 4.30 -27.30
C VAL A 454 25.23 3.15 -27.75
N ARG A 455 24.22 3.47 -28.56
CA ARG A 455 23.30 2.44 -29.04
C ARG A 455 23.96 1.44 -30.01
N ARG A 456 24.97 1.91 -30.74
CA ARG A 456 25.69 1.05 -31.68
C ARG A 456 26.46 -0.06 -30.96
N LYS A 457 27.02 0.27 -29.79
CA LYS A 457 27.79 -0.70 -28.99
C LYS A 457 26.92 -1.77 -28.35
N VAL A 458 25.71 -1.40 -27.93
CA VAL A 458 24.87 -2.30 -27.13
C VAL A 458 23.86 -3.06 -28.00
N ASP A 459 23.62 -2.57 -29.20
CA ASP A 459 22.76 -3.27 -30.15
C ASP A 459 23.37 -3.14 -31.56
N PRO A 460 24.54 -3.75 -31.78
CA PRO A 460 25.18 -3.67 -33.10
C PRO A 460 24.38 -4.34 -34.22
N LEU A 461 23.51 -5.29 -33.89
CA LEU A 461 22.65 -5.95 -34.88
C LEU A 461 21.29 -5.29 -35.09
N ARG A 462 21.05 -4.16 -34.44
CA ARG A 462 19.77 -3.43 -34.52
C ARG A 462 18.56 -4.31 -34.12
N VAL A 463 18.75 -5.12 -33.08
CA VAL A 463 17.70 -6.01 -32.56
C VAL A 463 16.46 -5.26 -32.06
N PHE A 464 16.67 -4.14 -31.37
CA PHE A 464 15.58 -3.29 -30.90
C PHE A 464 15.28 -2.19 -31.91
N ALA A 465 14.03 -2.16 -32.38
CA ALA A 465 13.63 -1.23 -33.43
C ALA A 465 12.16 -0.88 -33.27
N SER A 466 11.76 0.23 -33.87
CA SER A 466 10.38 0.72 -33.82
C SER A 466 10.03 1.57 -35.04
N ASP A 467 8.75 1.88 -35.20
CA ASP A 467 8.35 2.79 -36.25
C ASP A 467 9.07 4.11 -36.07
N MET A 468 9.06 4.65 -34.84
CA MET A 468 9.70 5.93 -34.57
C MET A 468 11.18 5.91 -34.95
N ALA A 469 11.90 4.86 -34.54
CA ALA A 469 13.34 4.77 -34.87
C ALA A 469 13.65 4.87 -36.38
N ARG A 470 12.77 4.31 -37.20
CA ARG A 470 12.99 4.32 -38.63
C ARG A 470 12.66 5.71 -39.18
N ARG A 471 11.56 6.29 -38.71
CA ARG A 471 11.15 7.61 -39.14
C ARG A 471 12.20 8.66 -38.75
N LEU A 472 12.68 8.60 -37.52
CA LEU A 472 13.62 9.59 -37.00
C LEU A 472 15.09 9.18 -37.21
N GLU A 473 15.30 8.06 -37.90
CA GLU A 473 16.64 7.62 -38.28
C GLU A 473 17.56 7.55 -37.06
N LEU A 474 17.06 6.87 -36.04
CA LEU A 474 17.79 6.60 -34.82
C LEU A 474 18.25 5.14 -34.81
N LEU A 475 17.92 4.42 -35.89
CA LEU A 475 18.17 2.99 -35.99
C LEU A 475 19.67 2.73 -36.05
N THR B 21 7.12 13.67 32.48
CA THR B 21 6.32 14.05 31.28
C THR B 21 5.29 12.96 30.94
N THR B 22 4.18 12.96 31.69
CA THR B 22 3.09 11.99 31.54
C THR B 22 1.72 12.63 31.84
N THR B 23 0.64 11.84 31.78
CA THR B 23 -0.71 12.33 32.10
C THR B 23 -1.50 11.35 32.96
N ALA B 24 -2.22 11.86 33.95
CA ALA B 24 -3.10 11.03 34.78
C ALA B 24 -4.37 10.67 34.00
N THR B 25 -4.62 9.37 33.82
CA THR B 25 -5.80 8.90 33.06
C THR B 25 -6.41 7.64 33.67
N ARG B 26 -7.72 7.49 33.52
CA ARG B 26 -8.47 6.35 34.06
C ARG B 26 -8.62 5.23 33.02
N LEU B 27 -7.65 4.32 32.97
CA LEU B 27 -7.58 3.27 31.97
C LEU B 27 -8.40 2.04 32.37
N THR B 28 -9.13 1.47 31.41
CA THR B 28 -9.91 0.25 31.65
C THR B 28 -9.75 -0.74 30.49
N GLY B 29 -10.29 -1.95 30.66
CA GLY B 29 -10.38 -2.93 29.58
C GLY B 29 -11.48 -2.55 28.62
N TRP B 30 -11.71 -3.38 27.61
CA TRP B 30 -12.74 -3.10 26.60
C TRP B 30 -14.13 -3.29 27.16
N GLY B 31 -14.26 -4.13 28.19
CA GLY B 31 -15.53 -4.36 28.89
C GLY B 31 -15.87 -3.33 29.96
N ARG B 32 -15.13 -2.22 29.98
CA ARG B 32 -15.42 -1.06 30.84
C ARG B 32 -15.47 -1.44 32.33
N THR B 33 -14.51 -2.25 32.76
CA THR B 33 -14.51 -2.80 34.11
C THR B 33 -13.15 -2.64 34.81
N ALA B 34 -13.20 -2.39 36.12
CA ALA B 34 -12.00 -2.15 36.95
C ALA B 34 -11.17 -0.95 36.47
N PRO B 35 -11.71 0.28 36.61
CA PRO B 35 -10.98 1.48 36.23
C PRO B 35 -9.92 1.87 37.28
N SER B 36 -8.65 1.86 36.88
CA SER B 36 -7.55 2.24 37.76
C SER B 36 -6.73 3.38 37.15
N VAL B 37 -6.43 4.40 37.96
CA VAL B 37 -5.71 5.58 37.49
C VAL B 37 -4.20 5.31 37.33
N ALA B 38 -3.65 5.75 36.20
CA ALA B 38 -2.21 5.59 35.91
C ALA B 38 -1.67 6.80 35.18
N ASN B 39 -0.34 6.94 35.19
CA ASN B 39 0.33 7.99 34.41
C ASN B 39 0.61 7.47 32.99
N VAL B 40 -0.09 8.04 32.00
CA VAL B 40 -0.03 7.58 30.62
C VAL B 40 0.98 8.36 29.78
N LEU B 41 2.14 7.77 29.54
CA LEU B 41 3.12 8.33 28.61
C LEU B 41 2.65 8.03 27.19
N ARG B 42 2.60 9.07 26.34
CA ARG B 42 2.10 8.92 24.97
C ARG B 42 2.95 9.77 23.99
N THR B 43 4.07 9.20 23.55
CA THR B 43 5.00 9.92 22.66
C THR B 43 5.43 9.08 21.45
N PRO B 44 5.51 9.70 20.25
CA PRO B 44 5.98 8.98 19.05
C PRO B 44 7.49 8.75 19.01
N ASP B 45 8.23 9.34 19.95
CA ASP B 45 9.69 9.25 19.97
C ASP B 45 10.16 8.05 20.78
N ALA B 46 10.88 7.12 20.14
CA ALA B 46 11.36 5.91 20.81
C ALA B 46 12.37 6.18 21.92
N GLU B 47 13.05 7.32 21.86
CA GLU B 47 14.03 7.67 22.90
C GLU B 47 13.37 8.20 24.17
N MET B 48 12.18 8.79 24.03
CA MET B 48 11.38 9.19 25.20
C MET B 48 10.88 7.96 25.95
N ILE B 49 10.66 6.86 25.24
CA ILE B 49 10.23 5.59 25.84
C ILE B 49 11.36 4.92 26.64
N VAL B 50 12.52 4.80 26.02
CA VAL B 50 13.70 4.25 26.70
C VAL B 50 14.07 5.10 27.94
N LYS B 51 13.87 6.41 27.82
CA LYS B 51 14.15 7.36 28.91
C LYS B 51 13.23 7.15 30.11
N ALA B 52 11.93 6.96 29.87
CA ALA B 52 10.95 6.78 30.95
C ALA B 52 11.10 5.43 31.67
N VAL B 53 11.71 4.44 31.00
CA VAL B 53 11.97 3.12 31.59
C VAL B 53 13.24 3.11 32.48
N ALA B 54 14.21 3.97 32.15
CA ALA B 54 15.35 4.21 33.04
C ALA B 54 14.88 4.98 34.26
N ARG B 55 13.98 5.94 34.03
CA ARG B 55 13.34 6.72 35.10
C ARG B 55 12.59 5.83 36.11
N VAL B 56 11.92 4.80 35.63
CA VAL B 56 11.22 3.84 36.49
C VAL B 56 12.20 2.84 37.11
N ALA B 57 13.26 2.51 36.37
CA ALA B 57 14.31 1.61 36.88
C ALA B 57 15.11 2.24 38.02
N GLU B 58 15.31 3.56 37.95
CA GLU B 58 15.98 4.31 39.03
C GLU B 58 15.17 4.24 40.32
N SER B 59 13.87 4.50 40.22
CA SER B 59 12.98 4.37 41.37
C SER B 59 12.80 2.91 41.77
N GLY B 62 7.75 1.52 44.02
CA GLY B 62 7.85 1.29 42.58
C GLY B 62 6.80 0.33 42.07
N ARG B 63 5.81 0.85 41.35
CA ARG B 63 4.76 0.03 40.76
C ARG B 63 5.02 -0.27 39.28
N GLY B 64 6.20 0.09 38.80
CA GLY B 64 6.65 -0.30 37.47
C GLY B 64 5.89 0.30 36.30
N ALA B 65 6.00 -0.35 35.15
CA ALA B 65 5.41 0.16 33.91
C ALA B 65 4.82 -0.96 33.06
N ILE B 66 3.75 -0.66 32.32
CA ILE B 66 3.18 -1.61 31.38
C ILE B 66 2.92 -0.95 30.03
N ALA B 67 3.12 -1.69 28.95
CA ALA B 67 2.78 -1.20 27.62
C ALA B 67 1.27 -1.36 27.41
N ARG B 68 0.69 -0.40 26.70
CA ARG B 68 -0.70 -0.48 26.29
C ARG B 68 -0.81 -0.29 24.78
N GLY B 69 -1.63 -1.13 24.15
CA GLY B 69 -1.89 -1.04 22.72
C GLY B 69 -3.11 -0.19 22.45
N LEU B 70 -4.07 -0.75 21.71
CA LEU B 70 -5.35 -0.11 21.45
C LEU B 70 -6.42 -0.45 22.50
N GLY B 71 -5.99 -1.07 23.59
CA GLY B 71 -6.87 -1.34 24.73
C GLY B 71 -8.05 -2.26 24.46
N ARG B 72 -7.92 -3.21 23.54
CA ARG B 72 -9.03 -4.09 23.18
C ARG B 72 -9.09 -5.36 24.05
N SER B 73 -8.05 -5.60 24.83
CA SER B 73 -8.10 -6.68 25.80
C SER B 73 -9.14 -6.33 26.88
N TYR B 74 -10.02 -7.28 27.17
CA TYR B 74 -11.07 -7.13 28.20
C TYR B 74 -10.46 -7.15 29.59
N GLY B 75 -9.39 -7.92 29.75
CA GLY B 75 -8.72 -8.06 31.03
C GLY B 75 -8.02 -6.79 31.49
N ASP B 76 -7.28 -6.94 32.58
CA ASP B 76 -6.60 -5.82 33.22
C ASP B 76 -5.10 -5.85 32.92
N ASN B 77 -4.71 -6.50 31.82
CA ASN B 77 -3.30 -6.65 31.46
C ASN B 77 -2.66 -5.40 30.86
N ALA B 78 -3.49 -4.45 30.43
CA ALA B 78 -2.98 -3.19 29.86
C ALA B 78 -3.20 -2.01 30.81
N GLN B 79 -3.31 -2.28 32.10
CA GLN B 79 -3.42 -1.22 33.10
C GLN B 79 -2.55 -1.50 34.31
N ASN B 80 -1.99 -0.43 34.85
CA ASN B 80 -1.04 -0.52 35.95
C ASN B 80 -1.39 0.55 36.98
N GLY B 81 -2.13 0.16 38.01
CA GLY B 81 -2.60 1.09 39.04
C GLY B 81 -1.47 1.74 39.82
N GLY B 82 -1.44 3.07 39.80
CA GLY B 82 -0.43 3.84 40.52
C GLY B 82 0.97 3.83 39.91
N GLY B 83 1.07 3.35 38.67
CA GLY B 83 2.36 3.26 37.99
C GLY B 83 2.31 3.91 36.62
N LEU B 84 3.24 3.51 35.76
CA LEU B 84 3.34 4.04 34.40
C LEU B 84 2.66 3.12 33.36
N VAL B 85 1.95 3.75 32.43
CA VAL B 85 1.40 3.08 31.26
C VAL B 85 1.92 3.78 30.01
N ILE B 86 2.64 3.04 29.17
CA ILE B 86 3.22 3.60 27.95
C ILE B 86 2.34 3.23 26.76
N ASP B 87 1.68 4.24 26.18
CA ASP B 87 0.80 4.05 25.04
C ASP B 87 1.66 3.93 23.78
N MET B 88 1.58 2.77 23.12
CA MET B 88 2.47 2.44 22.00
C MET B 88 1.89 2.79 20.64
N THR B 89 0.65 3.27 20.60
CA THR B 89 -0.04 3.58 19.34
C THR B 89 0.64 4.65 18.43
N PRO B 90 1.31 5.66 19.01
CA PRO B 90 2.04 6.65 18.19
C PRO B 90 3.18 6.08 17.36
N LEU B 91 3.86 5.05 17.87
CA LEU B 91 4.88 4.32 17.08
C LEU B 91 4.21 3.35 16.11
N ASN B 92 3.76 3.88 14.98
CA ASN B 92 2.98 3.09 14.03
C ASN B 92 3.56 3.16 12.62
N THR B 93 4.89 3.11 12.54
CA THR B 93 5.60 3.18 11.27
C THR B 93 5.77 1.79 10.65
N ILE B 94 5.40 1.64 9.39
CA ILE B 94 5.75 0.43 8.63
C ILE B 94 7.07 0.73 7.93
N HIS B 95 8.11 -0.02 8.30
CA HIS B 95 9.47 0.22 7.81
C HIS B 95 9.71 -0.43 6.48
N SER B 96 9.32 -1.70 6.32
CA SER B 96 9.39 -2.29 5.00
C SER B 96 8.48 -3.47 4.82
N ILE B 97 8.15 -3.74 3.56
CA ILE B 97 7.45 -4.93 3.15
C ILE B 97 8.19 -5.47 1.95
N ASP B 98 8.33 -6.80 1.87
CA ASP B 98 9.07 -7.45 0.80
C ASP B 98 8.30 -8.69 0.29
N ALA B 99 7.78 -8.60 -0.93
CA ALA B 99 6.96 -9.67 -1.51
C ALA B 99 7.73 -10.98 -1.77
N ASP B 100 9.05 -10.87 -1.94
CA ASP B 100 9.92 -12.03 -2.24
C ASP B 100 10.18 -12.86 -0.98
N THR B 101 10.61 -12.22 0.09
CA THR B 101 10.82 -12.91 1.36
C THR B 101 9.52 -13.07 2.15
N LYS B 102 8.50 -12.28 1.81
CA LYS B 102 7.21 -12.27 2.50
C LYS B 102 7.28 -11.70 3.91
N LEU B 103 8.23 -10.78 4.13
CA LEU B 103 8.50 -10.22 5.44
C LEU B 103 8.08 -8.76 5.55
N VAL B 104 7.35 -8.42 6.63
CA VAL B 104 6.97 -7.04 6.92
C VAL B 104 7.71 -6.63 8.18
N ASP B 105 8.30 -5.44 8.17
CA ASP B 105 9.05 -4.94 9.30
C ASP B 105 8.32 -3.73 9.83
N ILE B 106 7.74 -3.85 11.01
CA ILE B 106 6.84 -2.79 11.52
C ILE B 106 7.12 -2.42 12.96
N ASP B 107 6.68 -1.22 13.36
CA ASP B 107 6.70 -0.80 14.74
C ASP B 107 5.57 -1.51 15.50
N ALA B 108 5.75 -1.63 16.81
CA ALA B 108 4.80 -2.31 17.70
C ALA B 108 3.39 -1.69 17.69
N GLY B 109 3.31 -0.37 17.51
CA GLY B 109 2.03 0.32 17.55
C GLY B 109 1.19 0.24 16.27
N VAL B 110 1.74 -0.34 15.21
CA VAL B 110 0.99 -0.55 13.97
C VAL B 110 -0.20 -1.48 14.26
N ASN B 111 -1.38 -1.16 13.77
CA ASN B 111 -2.52 -2.05 13.92
C ASN B 111 -2.71 -2.96 12.73
N LEU B 112 -3.41 -4.07 12.95
CA LEU B 112 -3.51 -5.11 11.94
C LEU B 112 -4.33 -4.68 10.74
N ASP B 113 -5.19 -3.68 10.91
CA ASP B 113 -5.95 -3.15 9.78
C ASP B 113 -5.05 -2.32 8.84
N GLN B 114 -4.26 -1.42 9.45
CA GLN B 114 -3.25 -0.65 8.75
C GLN B 114 -2.33 -1.60 7.98
N LEU B 115 -1.84 -2.62 8.67
CA LEU B 115 -0.91 -3.58 8.10
C LEU B 115 -1.54 -4.35 6.94
N MET B 116 -2.78 -4.78 7.13
CA MET B 116 -3.51 -5.49 6.09
C MET B 116 -3.63 -4.67 4.81
N LYS B 117 -3.99 -3.38 4.95
CA LYS B 117 -4.07 -2.46 3.80
C LYS B 117 -2.71 -2.34 3.16
N ALA B 118 -1.72 -2.00 3.97
CA ALA B 118 -0.37 -1.79 3.49
C ALA B 118 0.14 -2.95 2.65
N ALA B 119 -0.26 -4.18 2.99
CA ALA B 119 0.40 -5.39 2.48
C ALA B 119 -0.31 -6.10 1.33
N LEU B 120 -1.59 -5.84 1.14
CA LEU B 120 -2.33 -6.45 0.02
C LEU B 120 -1.74 -6.17 -1.35
N PRO B 121 -1.31 -4.94 -1.61
CA PRO B 121 -0.75 -4.62 -2.95
C PRO B 121 0.54 -5.37 -3.29
N PHE B 122 1.11 -6.07 -2.31
CA PHE B 122 2.25 -6.98 -2.53
C PHE B 122 1.82 -8.45 -2.62
N GLY B 123 0.53 -8.72 -2.57
CA GLY B 123 0.03 -10.10 -2.54
C GLY B 123 0.32 -10.81 -1.23
N LEU B 124 0.27 -10.06 -0.12
CA LEU B 124 0.59 -10.58 1.19
C LEU B 124 -0.61 -10.45 2.12
N TRP B 125 -0.85 -11.46 2.94
CA TRP B 125 -2.02 -11.54 3.80
C TRP B 125 -1.54 -11.71 5.22
N VAL B 126 -2.09 -10.93 6.16
CA VAL B 126 -1.76 -11.07 7.58
C VAL B 126 -2.12 -12.47 8.03
N PRO B 127 -1.17 -13.20 8.63
CA PRO B 127 -1.37 -14.65 8.78
C PRO B 127 -2.39 -15.06 9.83
N VAL B 128 -2.62 -14.23 10.83
CA VAL B 128 -3.60 -14.50 11.87
C VAL B 128 -4.33 -13.21 12.16
N LEU B 129 -5.65 -13.21 11.94
CA LEU B 129 -6.51 -12.05 12.25
C LEU B 129 -7.51 -12.42 13.33
N PRO B 130 -7.66 -11.57 14.35
CA PRO B 130 -8.71 -11.78 15.32
C PRO B 130 -10.07 -11.28 14.83
N GLY B 131 -11.09 -11.36 15.67
CA GLY B 131 -12.44 -10.92 15.30
C GLY B 131 -12.61 -9.42 15.11
N THR B 132 -11.64 -8.64 15.55
CA THR B 132 -11.61 -7.20 15.31
C THR B 132 -10.27 -6.90 14.71
N ARG B 133 -10.14 -5.78 14.01
CA ARG B 133 -8.86 -5.43 13.39
C ARG B 133 -8.17 -4.28 14.12
N GLN B 134 -8.82 -3.75 15.15
CA GLN B 134 -8.29 -2.64 15.90
C GLN B 134 -7.44 -3.20 17.02
N VAL B 135 -6.29 -3.71 16.60
CA VAL B 135 -5.39 -4.47 17.46
C VAL B 135 -3.97 -4.16 17.01
N THR B 136 -3.09 -3.84 17.96
CA THR B 136 -1.72 -3.50 17.62
C THR B 136 -0.93 -4.78 17.44
N VAL B 137 0.18 -4.67 16.72
CA VAL B 137 1.09 -5.79 16.57
C VAL B 137 1.67 -6.19 17.93
N GLY B 138 1.93 -5.24 18.81
CA GLY B 138 2.47 -5.53 20.15
C GLY B 138 1.48 -6.28 21.04
N GLY B 139 0.20 -5.96 20.92
CA GLY B 139 -0.85 -6.67 21.62
C GLY B 139 -1.13 -8.07 21.09
N ALA B 140 -1.02 -8.23 19.78
CA ALA B 140 -1.22 -9.53 19.14
C ALA B 140 -0.15 -10.54 19.51
N ILE B 141 1.08 -10.07 19.70
CA ILE B 141 2.18 -10.93 20.12
C ILE B 141 2.08 -11.23 21.62
N ALA B 142 1.82 -10.18 22.40
CA ALA B 142 1.76 -10.25 23.84
C ALA B 142 0.62 -11.13 24.36
N CYS B 143 -0.52 -11.10 23.69
CA CYS B 143 -1.61 -12.05 23.97
C CYS B 143 -1.57 -13.31 23.09
N ASP B 144 -0.56 -13.44 22.22
CA ASP B 144 -0.47 -14.52 21.22
C ASP B 144 -1.84 -14.84 20.62
N ILE B 145 -2.38 -13.88 19.88
CA ILE B 145 -3.78 -14.00 19.44
C ILE B 145 -3.99 -15.13 18.44
N HIS B 146 -5.22 -15.63 18.40
CA HIS B 146 -5.61 -16.68 17.48
C HIS B 146 -6.75 -16.22 16.62
N GLY B 147 -6.99 -16.95 15.52
CA GLY B 147 -8.15 -16.67 14.67
C GLY B 147 -8.83 -17.89 14.08
N LYS B 148 -9.66 -17.63 13.08
CA LYS B 148 -10.42 -18.65 12.37
C LYS B 148 -9.57 -19.74 11.74
N ASN B 149 -8.29 -19.46 11.52
CA ASN B 149 -7.36 -20.40 10.91
C ASN B 149 -6.36 -21.06 11.86
N HIS B 150 -6.63 -21.06 13.16
CA HIS B 150 -5.69 -21.67 14.12
C HIS B 150 -5.32 -23.08 13.76
N HIS B 151 -6.33 -23.89 13.43
CA HIS B 151 -6.11 -25.31 13.10
C HIS B 151 -5.16 -25.53 11.95
N SER B 152 -5.05 -24.58 11.03
CA SER B 152 -4.11 -24.67 9.89
C SER B 152 -2.84 -23.84 10.02
N ALA B 153 -2.83 -22.82 10.87
CA ALA B 153 -1.72 -21.82 10.88
C ALA B 153 -1.13 -21.47 12.26
N GLY B 154 -1.77 -21.95 13.32
CA GLY B 154 -1.37 -21.63 14.68
C GLY B 154 -1.75 -20.21 15.04
N SER B 155 -1.16 -19.71 16.13
CA SER B 155 -1.47 -18.38 16.61
C SER B 155 -0.45 -17.39 16.06
N PHE B 156 -0.57 -16.14 16.48
CA PHE B 156 0.24 -15.05 15.93
C PHE B 156 1.73 -15.27 16.13
N GLY B 157 2.10 -15.78 17.29
CA GLY B 157 3.51 -16.03 17.62
C GLY B 157 4.30 -16.87 16.64
N ASN B 158 3.62 -17.85 16.01
CA ASN B 158 4.26 -18.76 15.04
C ASN B 158 4.79 -18.04 13.81
N HIS B 159 4.33 -16.82 13.55
CA HIS B 159 4.66 -16.08 12.34
C HIS B 159 5.59 -14.92 12.57
N VAL B 160 5.98 -14.69 13.81
CA VAL B 160 6.95 -13.66 14.12
C VAL B 160 8.35 -14.21 13.89
N ARG B 161 9.17 -13.51 13.12
CA ARG B 161 10.53 -13.96 12.81
C ARG B 161 11.59 -13.25 13.62
N SER B 162 11.25 -12.10 14.20
CA SER B 162 12.14 -11.41 15.12
C SER B 162 11.37 -10.29 15.79
N MET B 163 11.85 -9.87 16.94
CA MET B 163 11.32 -8.66 17.53
C MET B 163 12.37 -7.94 18.33
N ASP B 164 12.10 -6.67 18.62
CA ASP B 164 13.00 -5.81 19.35
C ASP B 164 12.30 -5.49 20.65
N LEU B 165 12.90 -5.94 21.74
CA LEU B 165 12.32 -5.85 23.06
C LEU B 165 13.20 -4.97 23.92
N LEU B 166 12.64 -3.85 24.38
CA LEU B 166 13.28 -3.02 25.39
C LEU B 166 13.16 -3.73 26.73
N THR B 167 14.29 -4.12 27.32
CA THR B 167 14.31 -4.77 28.62
C THR B 167 14.62 -3.78 29.76
N ALA B 168 14.44 -4.24 31.00
CA ALA B 168 14.56 -3.42 32.21
C ALA B 168 15.85 -2.60 32.32
N ASP B 169 16.97 -3.15 31.86
CA ASP B 169 18.26 -2.46 31.91
C ASP B 169 18.50 -1.45 30.76
N GLY B 170 17.44 -1.06 30.05
CA GLY B 170 17.53 -0.06 28.97
C GLY B 170 18.03 -0.59 27.63
N GLU B 171 18.30 -1.89 27.54
CA GLU B 171 18.86 -2.47 26.33
C GLU B 171 17.76 -3.04 25.40
N ILE B 172 17.77 -2.61 24.14
CA ILE B 172 16.87 -3.16 23.13
C ILE B 172 17.50 -4.45 22.62
N ARG B 173 16.93 -5.58 23.00
CA ARG B 173 17.44 -6.88 22.59
C ARG B 173 16.70 -7.36 21.34
N HIS B 174 17.43 -8.04 20.47
CA HIS B 174 16.89 -8.54 19.20
C HIS B 174 16.66 -10.03 19.32
N LEU B 175 15.39 -10.42 19.43
CA LEU B 175 15.03 -11.81 19.71
C LEU B 175 14.61 -12.56 18.44
N THR B 176 14.86 -13.85 18.40
CA THR B 176 14.40 -14.71 17.31
C THR B 176 13.87 -16.05 17.85
N PRO B 177 13.00 -16.72 17.09
CA PRO B 177 12.38 -17.96 17.59
C PRO B 177 13.29 -19.19 17.77
N THR B 178 14.40 -19.28 17.05
CA THR B 178 15.30 -20.44 17.13
C THR B 178 16.74 -20.03 17.41
N GLY B 179 16.96 -18.79 17.82
CA GLY B 179 18.30 -18.30 18.10
C GLY B 179 18.77 -18.61 19.51
N GLU B 180 19.69 -17.79 20.00
CA GLU B 180 20.29 -17.97 21.33
C GLU B 180 19.31 -17.57 22.43
N ASP B 181 18.47 -16.58 22.13
CA ASP B 181 17.52 -16.08 23.11
C ASP B 181 16.10 -16.57 22.82
N ALA B 182 15.99 -17.82 22.35
CA ALA B 182 14.70 -18.39 22.03
C ALA B 182 13.75 -18.43 23.24
N GLU B 183 14.30 -18.64 24.43
CA GLU B 183 13.44 -18.79 25.62
C GLU B 183 12.75 -17.49 26.03
N LEU B 184 13.48 -16.39 25.92
CA LEU B 184 12.93 -15.06 26.21
C LEU B 184 11.99 -14.59 25.09
N PHE B 185 12.25 -15.03 23.85
CA PHE B 185 11.35 -14.80 22.72
C PHE B 185 10.02 -15.50 22.98
N TRP B 186 10.07 -16.80 23.28
CA TRP B 186 8.85 -17.56 23.56
C TRP B 186 8.19 -17.23 24.88
N ALA B 187 8.89 -16.48 25.74
CA ALA B 187 8.32 -15.96 26.98
C ALA B 187 7.62 -14.63 26.73
N THR B 188 8.03 -13.94 25.68
CA THR B 188 7.42 -12.68 25.32
C THR B 188 6.13 -12.93 24.52
N VAL B 189 6.09 -14.03 23.77
CA VAL B 189 4.86 -14.42 23.09
C VAL B 189 3.92 -14.89 24.16
N GLY B 190 2.74 -14.27 24.25
CA GLY B 190 1.78 -14.60 25.29
C GLY B 190 2.19 -14.06 26.67
N GLY B 191 3.18 -13.17 26.71
CA GLY B 191 3.75 -12.70 27.97
C GLY B 191 3.04 -11.52 28.60
N ASN B 192 2.02 -11.01 27.94
CA ASN B 192 1.24 -9.86 28.42
C ASN B 192 2.10 -8.69 28.84
N GLY B 193 3.14 -8.44 28.05
CA GLY B 193 3.98 -7.27 28.22
C GLY B 193 4.89 -7.29 29.43
N LEU B 194 5.01 -8.43 30.10
CA LEU B 194 5.75 -8.54 31.36
C LEU B 194 7.21 -8.95 31.19
N THR B 195 7.69 -9.05 29.95
CA THR B 195 9.12 -9.25 29.69
C THR B 195 9.79 -7.97 29.20
N GLY B 196 9.00 -6.93 28.95
CA GLY B 196 9.49 -5.70 28.36
C GLY B 196 8.56 -5.10 27.31
N ILE B 197 9.00 -4.02 26.67
CA ILE B 197 8.22 -3.36 25.64
C ILE B 197 8.70 -3.74 24.25
N ILE B 198 7.82 -4.37 23.46
CA ILE B 198 8.12 -4.74 22.09
C ILE B 198 8.10 -3.45 21.27
N MET B 199 9.25 -3.08 20.70
CA MET B 199 9.40 -1.83 19.94
C MET B 199 9.10 -2.04 18.47
N ARG B 200 9.31 -3.26 17.99
CA ARG B 200 9.46 -3.49 16.57
C ARG B 200 9.56 -4.99 16.31
N ALA B 201 8.92 -5.45 15.23
CA ALA B 201 8.88 -6.87 14.93
C ALA B 201 8.98 -7.11 13.45
N THR B 202 9.43 -8.28 13.08
CA THR B 202 9.34 -8.76 11.70
C THR B 202 8.39 -9.97 11.64
N ILE B 203 7.44 -9.93 10.71
CA ILE B 203 6.43 -10.95 10.56
C ILE B 203 6.53 -11.58 9.17
N GLU B 204 6.46 -12.90 9.09
CA GLU B 204 6.32 -13.60 7.80
C GLU B 204 4.85 -13.66 7.41
N MET B 205 4.50 -13.08 6.26
CA MET B 205 3.09 -13.00 5.82
C MET B 205 2.73 -14.23 5.01
N THR B 206 1.44 -14.42 4.78
CA THR B 206 0.98 -15.48 3.93
C THR B 206 0.80 -14.90 2.52
N PRO B 207 1.34 -15.58 1.50
CA PRO B 207 1.16 -15.12 0.11
C PRO B 207 -0.25 -15.36 -0.41
N THR B 208 -0.82 -14.38 -1.09
CA THR B 208 -2.17 -14.51 -1.62
C THR B 208 -2.25 -13.83 -2.97
N SER B 209 -3.12 -14.35 -3.83
CA SER B 209 -3.36 -13.72 -5.12
C SER B 209 -4.62 -12.85 -5.09
N THR B 210 -5.48 -13.04 -4.09
CA THR B 210 -6.67 -12.19 -3.95
C THR B 210 -6.94 -11.80 -2.50
N ALA B 211 -7.88 -10.90 -2.32
CA ALA B 211 -8.36 -10.46 -1.02
C ALA B 211 -9.71 -11.08 -0.66
N TYR B 212 -10.08 -12.20 -1.28
CA TYR B 212 -11.42 -12.76 -1.11
C TYR B 212 -11.36 -14.20 -0.65
N PHE B 213 -12.48 -14.68 -0.15
CA PHE B 213 -12.61 -16.04 0.37
C PHE B 213 -13.59 -16.84 -0.45
N ILE B 214 -13.38 -18.15 -0.51
CA ILE B 214 -14.36 -19.09 -1.03
C ILE B 214 -14.93 -19.81 0.19
N ALA B 215 -16.19 -19.54 0.51
CA ALA B 215 -16.80 -20.07 1.72
C ALA B 215 -17.83 -21.16 1.42
N ASP B 216 -17.82 -22.21 2.24
CA ASP B 216 -18.89 -23.19 2.30
C ASP B 216 -19.61 -23.04 3.62
N GLY B 217 -20.94 -22.99 3.60
CA GLY B 217 -21.75 -22.95 4.80
C GLY B 217 -22.41 -24.28 5.06
N ASP B 218 -22.59 -24.60 6.33
CA ASP B 218 -23.32 -25.80 6.75
C ASP B 218 -24.07 -25.45 8.01
N VAL B 219 -25.08 -26.26 8.35
CA VAL B 219 -25.74 -26.14 9.64
C VAL B 219 -25.91 -27.52 10.24
N THR B 220 -26.04 -27.55 11.56
CA THR B 220 -26.23 -28.77 12.31
C THR B 220 -27.50 -28.66 13.14
N ALA B 221 -28.09 -29.80 13.50
CA ALA B 221 -29.34 -29.83 14.29
C ALA B 221 -29.08 -30.02 15.79
N SER B 222 -27.88 -30.48 16.15
CA SER B 222 -27.56 -30.78 17.54
C SER B 222 -26.06 -30.69 17.83
N LEU B 223 -25.73 -30.48 19.10
CA LEU B 223 -24.34 -30.52 19.60
C LEU B 223 -23.57 -31.73 19.10
N ASP B 224 -24.22 -32.88 19.09
CA ASP B 224 -23.54 -34.12 18.73
C ASP B 224 -23.16 -34.10 17.27
N GLU B 225 -23.98 -33.46 16.44
CA GLU B 225 -23.72 -33.34 15.02
C GLU B 225 -22.61 -32.31 14.76
N THR B 226 -22.66 -31.21 15.52
CA THR B 226 -21.60 -30.21 15.50
C THR B 226 -20.24 -30.84 15.81
N ILE B 227 -20.21 -31.80 16.72
CA ILE B 227 -18.97 -32.50 17.07
C ILE B 227 -18.51 -33.44 15.94
N ALA B 228 -19.40 -34.29 15.43
CA ALA B 228 -19.04 -35.23 14.37
C ALA B 228 -18.54 -34.51 13.13
N LEU B 229 -19.16 -33.38 12.80
CA LEU B 229 -18.78 -32.54 11.66
C LEU B 229 -17.33 -32.05 11.79
N HIS B 230 -16.95 -31.66 13.00
CA HIS B 230 -15.60 -31.22 13.32
C HIS B 230 -14.64 -32.36 13.56
N SER B 231 -15.14 -33.59 13.55
CA SER B 231 -14.33 -34.78 13.80
C SER B 231 -14.13 -35.67 12.56
N ASP B 232 -14.79 -35.36 11.46
CA ASP B 232 -14.85 -36.28 10.31
C ASP B 232 -13.74 -36.12 9.26
N GLY B 233 -12.73 -35.30 9.54
CA GLY B 233 -11.65 -35.05 8.58
C GLY B 233 -11.90 -33.91 7.59
N SER B 234 -13.15 -33.47 7.45
CA SER B 234 -13.49 -32.36 6.55
C SER B 234 -12.79 -31.06 6.92
N GLU B 235 -12.45 -30.92 8.20
CA GLU B 235 -11.74 -29.75 8.69
C GLU B 235 -10.35 -29.58 8.03
N ALA B 236 -9.74 -30.68 7.56
CA ALA B 236 -8.47 -30.60 6.83
C ALA B 236 -8.58 -29.98 5.43
N ARG B 237 -9.80 -29.84 4.92
CA ARG B 237 -10.02 -29.25 3.59
C ARG B 237 -10.10 -27.72 3.61
N TYR B 238 -10.35 -27.14 4.78
CA TYR B 238 -10.48 -25.70 4.92
C TYR B 238 -9.35 -25.09 5.75
N THR B 239 -8.88 -23.92 5.36
CA THR B 239 -7.86 -23.22 6.13
C THR B 239 -8.51 -22.41 7.28
N TYR B 240 -9.75 -21.97 7.07
CA TYR B 240 -10.46 -21.13 8.01
C TYR B 240 -11.78 -21.79 8.38
N SER B 241 -12.14 -21.73 9.66
CA SER B 241 -13.36 -22.38 10.15
C SER B 241 -13.80 -21.88 11.51
N SER B 242 -15.08 -21.57 11.64
CA SER B 242 -15.69 -21.27 12.92
C SER B 242 -17.21 -21.47 12.84
N ALA B 243 -17.89 -21.40 13.98
CA ALA B 243 -19.32 -21.67 14.04
C ALA B 243 -20.04 -20.75 15.02
N TRP B 244 -21.20 -20.25 14.63
CA TRP B 244 -22.14 -19.70 15.61
C TRP B 244 -22.82 -20.91 16.17
N PHE B 245 -23.08 -20.94 17.47
CA PHE B 245 -23.81 -22.07 18.04
C PHE B 245 -24.82 -21.69 19.12
N ASP B 246 -25.84 -22.54 19.25
CA ASP B 246 -26.95 -22.31 20.16
C ASP B 246 -26.56 -22.73 21.57
N ALA B 247 -26.61 -21.76 22.48
CA ALA B 247 -26.40 -22.01 23.90
C ALA B 247 -27.69 -21.87 24.70
N ILE B 248 -28.79 -21.58 24.01
CA ILE B 248 -30.06 -21.21 24.65
C ILE B 248 -31.08 -22.36 24.62
N SER B 249 -31.26 -22.97 23.45
CA SER B 249 -32.21 -24.08 23.29
C SER B 249 -31.85 -25.31 24.13
N ALA B 250 -32.88 -26.01 24.62
CA ALA B 250 -32.69 -27.21 25.44
C ALA B 250 -32.25 -28.38 24.57
N PRO B 251 -31.69 -29.44 25.18
CA PRO B 251 -31.37 -30.64 24.39
C PRO B 251 -32.64 -31.29 23.84
N PRO B 252 -32.56 -31.93 22.66
CA PRO B 252 -31.37 -32.19 21.86
C PRO B 252 -30.95 -31.07 20.88
N LYS B 253 -31.67 -29.95 20.87
CA LYS B 253 -31.35 -28.81 19.98
C LYS B 253 -30.12 -28.04 20.46
N LEU B 254 -29.79 -28.18 21.75
CA LEU B 254 -28.63 -27.53 22.31
C LEU B 254 -27.38 -27.92 21.54
N GLY B 255 -26.56 -26.92 21.19
CA GLY B 255 -25.31 -27.13 20.47
C GLY B 255 -25.41 -27.15 18.95
N ARG B 256 -26.61 -26.91 18.42
CA ARG B 256 -26.76 -26.77 16.97
C ARG B 256 -25.98 -25.55 16.52
N ALA B 257 -25.45 -25.62 15.32
CA ALA B 257 -24.49 -24.61 14.89
C ALA B 257 -24.64 -24.24 13.42
N ALA B 258 -24.37 -22.98 13.11
CA ALA B 258 -24.14 -22.54 11.73
C ALA B 258 -22.62 -22.49 11.52
N VAL B 259 -22.09 -23.42 10.72
CA VAL B 259 -20.66 -23.52 10.44
C VAL B 259 -20.22 -22.75 9.19
N SER B 260 -19.19 -21.93 9.33
CA SER B 260 -18.67 -21.11 8.24
C SER B 260 -17.20 -21.44 8.01
N ARG B 261 -16.88 -22.04 6.87
CA ARG B 261 -15.53 -22.51 6.57
C ARG B 261 -15.10 -22.08 5.19
N GLY B 262 -13.78 -21.95 4.97
CA GLY B 262 -13.28 -21.46 3.70
C GLY B 262 -11.78 -21.41 3.50
N ARG B 263 -11.38 -20.86 2.35
CA ARG B 263 -10.00 -20.59 1.95
C ARG B 263 -9.92 -19.23 1.28
N LEU B 264 -8.73 -18.66 1.24
CA LEU B 264 -8.46 -17.54 0.36
C LEU B 264 -8.67 -17.99 -1.10
N ALA B 265 -9.31 -17.11 -1.89
CA ALA B 265 -9.61 -17.43 -3.28
C ALA B 265 -8.41 -17.12 -4.17
N THR B 266 -8.29 -17.87 -5.26
CA THR B 266 -7.33 -17.60 -6.32
C THR B 266 -8.01 -16.71 -7.37
N VAL B 267 -7.24 -16.25 -8.35
CA VAL B 267 -7.77 -15.33 -9.38
C VAL B 267 -8.81 -16.00 -10.29
N GLU B 268 -8.52 -17.22 -10.72
CA GLU B 268 -9.44 -17.97 -11.58
C GLU B 268 -10.77 -18.34 -10.91
N GLN B 269 -10.85 -18.20 -9.59
CA GLN B 269 -12.09 -18.52 -8.86
C GLN B 269 -13.05 -17.33 -8.75
N LEU B 270 -12.62 -16.14 -9.16
CA LEU B 270 -13.45 -14.94 -9.07
C LEU B 270 -14.16 -14.63 -10.39
N PRO B 271 -15.32 -13.94 -10.33
CA PRO B 271 -15.96 -13.37 -11.52
C PRO B 271 -15.11 -12.33 -12.22
N ALA B 272 -15.16 -12.31 -13.56
CA ALA B 272 -14.32 -11.40 -14.37
C ALA B 272 -14.33 -9.94 -13.89
N LYS B 273 -15.43 -9.49 -13.30
CA LYS B 273 -15.51 -8.14 -12.72
C LYS B 273 -14.44 -7.91 -11.65
N LEU B 274 -14.19 -8.92 -10.81
CA LEU B 274 -13.22 -8.78 -9.73
C LEU B 274 -11.78 -9.00 -10.18
N ARG B 275 -11.58 -9.76 -11.27
CA ARG B 275 -10.21 -10.09 -11.73
C ARG B 275 -9.38 -8.86 -12.10
N SER B 276 -10.03 -7.71 -12.26
CA SER B 276 -9.34 -6.45 -12.54
C SER B 276 -8.49 -5.99 -11.35
N GLU B 277 -9.10 -6.00 -10.16
CA GLU B 277 -8.42 -5.65 -8.92
C GLU B 277 -8.65 -6.72 -7.85
N PRO B 278 -8.04 -7.90 -8.06
CA PRO B 278 -8.29 -9.04 -7.18
C PRO B 278 -7.84 -8.80 -5.73
N LEU B 279 -6.85 -7.93 -5.53
CA LEU B 279 -6.35 -7.59 -4.20
C LEU B 279 -7.02 -6.35 -3.57
N LYS B 280 -8.23 -6.01 -4.00
CA LYS B 280 -8.95 -4.82 -3.49
C LYS B 280 -9.23 -4.90 -1.99
N PHE B 281 -8.76 -3.91 -1.24
CA PHE B 281 -8.90 -3.85 0.23
C PHE B 281 -10.37 -3.74 0.69
N ASP B 282 -10.69 -4.42 1.80
CA ASP B 282 -12.04 -4.38 2.38
C ASP B 282 -12.36 -3.04 3.04
N GLY B 307 -39.08 -29.55 7.18
CA GLY B 307 -38.86 -29.07 8.55
C GLY B 307 -37.38 -28.93 8.89
N GLU B 308 -36.74 -30.06 9.19
CA GLU B 308 -35.29 -30.06 9.39
C GLU B 308 -34.56 -29.95 8.05
N LEU B 309 -35.23 -30.36 6.97
CA LEU B 309 -34.65 -30.32 5.61
C LEU B 309 -34.59 -28.90 5.06
N TRP B 310 -35.63 -28.11 5.36
CA TRP B 310 -35.63 -26.71 4.98
C TRP B 310 -34.55 -25.98 5.72
N TYR B 311 -34.53 -26.15 7.04
CA TYR B 311 -33.51 -25.59 7.94
C TYR B 311 -32.07 -25.77 7.41
N ARG B 312 -31.73 -27.00 7.02
CA ARG B 312 -30.42 -27.32 6.47
C ARG B 312 -30.15 -26.64 5.13
N LYS B 313 -31.00 -26.90 4.14
CA LYS B 313 -30.86 -26.27 2.83
C LYS B 313 -30.67 -24.75 2.98
N SER B 314 -31.51 -24.14 3.82
CA SER B 314 -31.50 -22.70 4.08
C SER B 314 -30.13 -22.17 4.49
N GLY B 315 -29.46 -22.88 5.40
CA GLY B 315 -28.15 -22.45 5.90
C GLY B 315 -26.96 -23.08 5.20
N THR B 316 -27.20 -23.82 4.12
CA THR B 316 -26.15 -24.51 3.37
C THR B 316 -25.85 -23.79 2.06
N TYR B 317 -24.57 -23.61 1.78
CA TYR B 317 -24.12 -23.05 0.52
C TYR B 317 -22.72 -23.55 0.21
N ARG B 318 -22.34 -23.47 -1.05
CA ARG B 318 -21.03 -23.93 -1.48
C ARG B 318 -20.42 -22.94 -2.45
N GLY B 319 -19.14 -22.64 -2.26
CA GLY B 319 -18.37 -21.81 -3.19
C GLY B 319 -18.70 -20.34 -3.19
N LYS B 320 -19.31 -19.84 -2.11
CA LYS B 320 -19.69 -18.44 -2.03
C LYS B 320 -18.44 -17.55 -1.97
N VAL B 321 -18.40 -16.54 -2.83
CA VAL B 321 -17.29 -15.60 -2.85
C VAL B 321 -17.59 -14.44 -1.92
N GLN B 322 -16.68 -14.19 -0.99
CA GLN B 322 -16.91 -13.23 0.09
C GLN B 322 -15.66 -12.41 0.35
N ASN B 323 -15.85 -11.12 0.62
CA ASN B 323 -14.74 -10.27 1.07
C ASN B 323 -14.49 -10.52 2.57
N LEU B 324 -13.50 -9.84 3.14
CA LEU B 324 -13.15 -10.02 4.55
C LEU B 324 -14.35 -9.80 5.50
N THR B 325 -15.07 -8.71 5.31
CA THR B 325 -16.22 -8.36 6.17
C THR B 325 -17.30 -9.45 6.19
N GLN B 326 -17.70 -9.90 5.02
CA GLN B 326 -18.77 -10.92 4.93
C GLN B 326 -18.33 -12.23 5.54
N PHE B 327 -17.07 -12.60 5.37
CA PHE B 327 -16.61 -13.90 5.83
C PHE B 327 -16.17 -13.85 7.29
N TYR B 328 -15.36 -12.85 7.62
CA TYR B 328 -14.67 -12.80 8.90
C TYR B 328 -15.47 -12.03 9.95
N HIS B 329 -16.04 -10.88 9.57
CA HIS B 329 -16.72 -9.99 10.51
C HIS B 329 -18.18 -9.77 10.19
N PRO B 330 -18.99 -10.85 10.15
CA PRO B 330 -20.41 -10.72 9.76
C PRO B 330 -21.18 -9.58 10.45
N LEU B 331 -20.91 -9.33 11.72
CA LEU B 331 -21.56 -8.23 12.46
C LEU B 331 -21.09 -6.88 11.95
N GLY B 345 -23.54 -4.02 29.42
CA GLY B 345 -23.48 -4.84 30.62
C GLY B 345 -23.33 -6.31 30.30
N PHE B 346 -22.21 -6.66 29.65
CA PHE B 346 -21.92 -8.04 29.25
C PHE B 346 -20.58 -8.50 29.81
N LEU B 347 -20.50 -9.79 30.13
CA LEU B 347 -19.25 -10.41 30.57
C LEU B 347 -18.83 -11.49 29.56
N GLN B 348 -17.64 -11.31 28.99
CA GLN B 348 -17.16 -12.16 27.91
C GLN B 348 -16.32 -13.27 28.52
N TYR B 349 -16.67 -14.50 28.20
CA TYR B 349 -16.09 -15.67 28.82
C TYR B 349 -15.61 -16.62 27.74
N GLN B 350 -14.33 -16.97 27.76
CA GLN B 350 -13.79 -17.90 26.77
C GLN B 350 -12.96 -18.97 27.45
N PHE B 351 -13.13 -20.21 27.02
CA PHE B 351 -12.31 -21.30 27.52
C PHE B 351 -12.03 -22.34 26.44
N VAL B 352 -11.12 -23.29 26.72
CA VAL B 352 -10.90 -24.43 25.83
C VAL B 352 -10.76 -25.74 26.61
N ILE B 353 -11.36 -26.80 26.10
CA ILE B 353 -11.36 -28.09 26.74
C ILE B 353 -10.56 -28.99 25.82
N PRO B 354 -9.61 -29.79 26.36
CA PRO B 354 -8.82 -30.66 25.49
C PRO B 354 -9.69 -31.58 24.65
N THR B 355 -9.14 -32.05 23.54
CA THR B 355 -9.91 -32.76 22.53
C THR B 355 -10.50 -34.04 23.11
N GLU B 356 -9.65 -34.85 23.72
CA GLU B 356 -10.08 -36.12 24.30
C GLU B 356 -11.27 -35.93 25.25
N ALA B 357 -11.30 -34.80 25.96
CA ALA B 357 -12.36 -34.49 26.92
C ALA B 357 -13.69 -34.07 26.30
N VAL B 358 -14.09 -34.70 25.20
CA VAL B 358 -15.30 -34.32 24.48
C VAL B 358 -16.58 -34.48 25.31
N ASP B 359 -16.65 -35.52 26.13
CA ASP B 359 -17.84 -35.74 26.97
C ASP B 359 -17.98 -34.63 28.02
N GLU B 360 -16.85 -34.19 28.55
CA GLU B 360 -16.80 -33.09 29.51
C GLU B 360 -17.20 -31.75 28.85
N PHE B 361 -16.73 -31.54 27.64
CA PHE B 361 -17.19 -30.41 26.83
C PHE B 361 -18.72 -30.36 26.73
N LYS B 362 -19.34 -31.50 26.40
CA LYS B 362 -20.82 -31.56 26.27
C LYS B 362 -21.56 -31.26 27.58
N LYS B 363 -21.03 -31.75 28.70
CA LYS B 363 -21.60 -31.46 30.03
C LYS B 363 -21.52 -29.97 30.38
N ILE B 364 -20.38 -29.33 30.09
CA ILE B 364 -20.22 -27.89 30.35
C ILE B 364 -21.24 -27.05 29.56
N ILE B 365 -21.38 -27.34 28.27
CA ILE B 365 -22.41 -26.65 27.46
C ILE B 365 -23.78 -26.89 28.11
N GLY B 366 -24.01 -28.12 28.56
CA GLY B 366 -25.23 -28.45 29.28
C GLY B 366 -25.46 -27.56 30.48
N VAL B 367 -24.40 -27.36 31.27
CA VAL B 367 -24.49 -26.51 32.47
C VAL B 367 -24.79 -25.07 32.10
N ILE B 368 -24.18 -24.59 31.03
CA ILE B 368 -24.40 -23.20 30.58
C ILE B 368 -25.86 -22.95 30.19
N GLN B 369 -26.47 -23.90 29.48
CA GLN B 369 -27.86 -23.75 29.00
C GLN B 369 -28.88 -23.81 30.14
N ALA B 370 -28.68 -24.74 31.07
CA ALA B 370 -29.63 -24.98 32.15
C ALA B 370 -29.50 -23.99 33.31
N SER B 371 -28.46 -23.15 33.29
CA SER B 371 -28.22 -22.16 34.35
C SER B 371 -29.14 -20.95 34.28
N GLY B 372 -29.83 -20.78 33.15
CA GLY B 372 -30.69 -19.61 32.95
C GLY B 372 -29.93 -18.34 32.57
N HIS B 373 -28.62 -18.45 32.40
CA HIS B 373 -27.82 -17.32 31.94
C HIS B 373 -27.70 -17.41 30.45
N TYR B 374 -28.47 -16.58 29.75
CA TYR B 374 -28.67 -16.73 28.31
C TYR B 374 -27.63 -15.94 27.50
N SER B 375 -27.18 -16.54 26.40
CA SER B 375 -26.14 -15.95 25.58
C SER B 375 -26.39 -16.25 24.11
N PHE B 376 -26.44 -15.21 23.29
CA PHE B 376 -26.77 -15.32 21.87
C PHE B 376 -25.52 -15.35 20.98
N LEU B 377 -24.53 -14.51 21.32
CA LEU B 377 -23.25 -14.51 20.62
C LEU B 377 -22.33 -15.60 21.17
N ASN B 378 -22.25 -16.72 20.45
CA ASN B 378 -21.40 -17.84 20.82
C ASN B 378 -20.60 -18.32 19.62
N VAL B 379 -19.27 -18.20 19.68
CA VAL B 379 -18.41 -18.68 18.61
C VAL B 379 -17.80 -19.99 19.08
N PHE B 380 -17.73 -20.97 18.20
CA PHE B 380 -17.18 -22.28 18.52
C PHE B 380 -16.13 -22.60 17.47
N LYS B 381 -15.05 -23.24 17.91
CA LYS B 381 -13.97 -23.62 17.02
C LYS B 381 -13.17 -24.75 17.63
N LEU B 382 -12.66 -25.64 16.79
CA LEU B 382 -11.72 -26.68 17.21
C LEU B 382 -10.30 -26.18 16.93
N PHE B 383 -9.52 -25.96 17.99
CA PHE B 383 -8.13 -25.49 17.89
C PHE B 383 -7.19 -26.60 17.40
N GLY B 384 -6.12 -26.19 16.74
CA GLY B 384 -5.03 -27.10 16.34
C GLY B 384 -3.93 -27.20 17.36
N PRO B 385 -2.76 -27.72 16.97
CA PRO B 385 -1.60 -27.88 17.87
C PRO B 385 -1.18 -26.59 18.55
N ARG B 386 -0.62 -26.69 19.75
CA ARG B 386 -0.10 -25.54 20.47
C ARG B 386 1.28 -25.17 19.97
N ASN B 387 1.76 -23.99 20.39
CA ASN B 387 3.14 -23.57 20.13
C ASN B 387 4.00 -23.65 21.40
N GLN B 388 5.26 -23.23 21.29
CA GLN B 388 6.23 -23.31 22.40
C GLN B 388 6.05 -22.30 23.54
N ALA B 389 5.14 -21.34 23.40
CA ALA B 389 5.00 -20.27 24.38
C ALA B 389 4.40 -20.80 25.67
N PRO B 390 5.12 -20.68 26.80
CA PRO B 390 4.60 -21.20 28.05
C PRO B 390 3.19 -20.73 28.43
N LEU B 391 2.88 -19.45 28.25
CA LEU B 391 1.56 -18.92 28.59
C LEU B 391 0.61 -18.71 27.41
N SER B 392 0.88 -19.34 26.28
CA SER B 392 -0.04 -19.28 25.16
C SER B 392 -1.35 -20.01 25.51
N PHE B 393 -2.47 -19.38 25.23
CA PHE B 393 -3.76 -19.93 25.54
C PHE B 393 -4.12 -21.16 24.69
N PRO B 394 -3.97 -21.07 23.36
CA PRO B 394 -4.58 -22.16 22.61
C PRO B 394 -3.90 -23.52 22.82
N ILE B 395 -4.73 -24.56 22.95
CA ILE B 395 -4.29 -25.96 22.94
C ILE B 395 -5.31 -26.76 22.11
N PRO B 396 -4.91 -27.95 21.61
CA PRO B 396 -5.87 -28.67 20.76
C PRO B 396 -7.16 -29.04 21.50
N GLY B 397 -8.30 -28.62 20.97
CA GLY B 397 -9.56 -28.95 21.61
C GLY B 397 -10.66 -27.97 21.31
N TRP B 398 -11.69 -28.00 22.15
CA TRP B 398 -12.95 -27.36 21.88
C TRP B 398 -12.96 -26.00 22.50
N ASN B 399 -12.99 -24.96 21.66
CA ASN B 399 -12.92 -23.59 22.15
C ASN B 399 -14.27 -22.90 22.01
N ILE B 400 -14.66 -22.19 23.07
CA ILE B 400 -15.97 -21.53 23.17
C ILE B 400 -15.82 -20.09 23.63
N CYS B 401 -16.46 -19.17 22.92
CA CYS B 401 -16.60 -17.79 23.37
C CYS B 401 -18.07 -17.51 23.65
N VAL B 402 -18.37 -17.09 24.86
CA VAL B 402 -19.74 -16.79 25.25
C VAL B 402 -19.77 -15.39 25.83
N ASP B 403 -20.98 -14.86 25.98
CA ASP B 403 -21.19 -13.46 26.30
C ASP B 403 -22.45 -13.33 27.14
N PHE B 404 -22.29 -13.45 28.45
CA PHE B 404 -23.42 -13.41 29.38
C PHE B 404 -23.76 -11.97 29.74
N PRO B 405 -25.05 -11.61 29.68
CA PRO B 405 -25.43 -10.29 30.16
C PRO B 405 -25.36 -10.27 31.68
N ILE B 406 -24.91 -9.14 32.22
CA ILE B 406 -24.67 -9.01 33.66
C ILE B 406 -25.98 -9.07 34.45
N LYS B 407 -26.10 -10.09 35.30
CA LYS B 407 -27.25 -10.30 36.18
C LYS B 407 -26.78 -10.73 37.56
N ASP B 408 -27.70 -10.73 38.53
CA ASP B 408 -27.39 -11.22 39.88
C ASP B 408 -27.19 -12.73 39.83
N GLY B 409 -26.12 -13.19 40.49
CA GLY B 409 -25.73 -14.59 40.45
C GLY B 409 -24.74 -14.94 39.36
N LEU B 410 -24.51 -14.02 38.40
CA LEU B 410 -23.61 -14.32 37.30
C LEU B 410 -22.21 -14.62 37.83
N GLY B 411 -21.68 -13.69 38.62
CA GLY B 411 -20.37 -13.85 39.26
C GLY B 411 -20.20 -15.19 39.95
N LYS B 412 -21.24 -15.62 40.65
CA LYS B 412 -21.25 -16.92 41.35
C LYS B 412 -21.26 -18.10 40.37
N PHE B 413 -22.00 -17.95 39.28
CA PHE B 413 -22.08 -18.98 38.26
C PHE B 413 -20.77 -19.12 37.48
N VAL B 414 -20.19 -17.97 37.15
CA VAL B 414 -18.93 -17.95 36.43
C VAL B 414 -17.83 -18.67 37.21
N SER B 415 -17.89 -18.55 38.53
CA SER B 415 -16.95 -19.22 39.41
C SER B 415 -17.07 -20.73 39.31
N GLU B 416 -18.32 -21.22 39.23
CA GLU B 416 -18.57 -22.66 39.07
C GLU B 416 -18.08 -23.14 37.71
N LEU B 417 -18.27 -22.31 36.68
CA LEU B 417 -17.76 -22.61 35.34
C LEU B 417 -16.24 -22.78 35.36
N ASP B 418 -15.54 -21.81 35.94
CA ASP B 418 -14.09 -21.89 36.10
C ASP B 418 -13.65 -23.26 36.58
N ARG B 419 -14.30 -23.73 37.65
CA ARG B 419 -13.87 -24.94 38.33
C ARG B 419 -14.14 -26.19 37.49
N ARG B 420 -15.22 -26.18 36.71
CA ARG B 420 -15.45 -27.27 35.77
C ARG B 420 -14.36 -27.27 34.69
N VAL B 421 -14.07 -26.10 34.13
CA VAL B 421 -13.04 -25.98 33.08
C VAL B 421 -11.66 -26.38 33.62
N LEU B 422 -11.44 -26.10 34.90
CA LEU B 422 -10.24 -26.49 35.61
C LEU B 422 -10.22 -27.99 35.85
N GLU B 423 -11.30 -28.51 36.42
CA GLU B 423 -11.43 -29.95 36.65
C GLU B 423 -11.06 -30.78 35.43
N PHE B 424 -11.48 -30.35 34.24
CA PHE B 424 -11.30 -31.16 33.03
C PHE B 424 -10.08 -30.83 32.14
N GLY B 425 -9.09 -30.14 32.69
CA GLY B 425 -7.85 -29.87 31.97
C GLY B 425 -7.87 -28.64 31.08
N GLY B 426 -8.98 -27.92 31.09
CA GLY B 426 -9.13 -26.75 30.23
C GLY B 426 -8.49 -25.52 30.80
N ARG B 427 -8.66 -24.39 30.12
CA ARG B 427 -8.13 -23.12 30.60
C ARG B 427 -8.93 -21.94 30.09
N LEU B 428 -8.72 -20.79 30.70
CA LEU B 428 -9.33 -19.54 30.32
C LEU B 428 -8.31 -18.63 29.70
N TYR B 429 -8.80 -17.61 29.00
CA TYR B 429 -7.96 -16.72 28.21
C TYR B 429 -7.91 -15.37 28.89
N THR B 430 -6.69 -14.93 29.21
CA THR B 430 -6.45 -13.67 29.94
C THR B 430 -6.84 -12.39 29.18
N ALA B 431 -6.91 -12.45 27.86
CA ALA B 431 -7.39 -11.29 27.07
C ALA B 431 -8.90 -11.07 27.23
N LYS B 432 -9.60 -12.07 27.77
CA LYS B 432 -11.03 -11.96 28.05
C LYS B 432 -11.29 -12.11 29.55
N ASP B 433 -10.30 -11.85 30.40
CA ASP B 433 -10.39 -12.25 31.80
C ASP B 433 -9.82 -11.25 32.81
N SER B 434 -10.62 -10.97 33.84
CA SER B 434 -10.25 -10.05 34.91
C SER B 434 -10.36 -10.66 36.32
N ARG B 435 -11.23 -11.65 36.52
CA ARG B 435 -11.50 -12.17 37.87
C ARG B 435 -11.14 -13.66 38.01
N THR B 436 -9.94 -13.93 38.52
CA THR B 436 -9.41 -15.28 38.53
C THR B 436 -8.15 -15.32 39.38
N THR B 437 -8.14 -16.24 40.34
CA THR B 437 -7.12 -16.27 41.36
C THR B 437 -5.80 -16.75 40.76
N ALA B 438 -4.70 -16.38 41.41
CA ALA B 438 -3.41 -16.93 41.06
C ALA B 438 -3.46 -18.47 40.97
N GLU B 439 -4.18 -19.10 41.89
CA GLU B 439 -4.16 -20.55 42.02
C GLU B 439 -4.79 -21.25 40.83
N THR B 440 -5.97 -20.78 40.42
CA THR B 440 -6.61 -21.28 39.22
C THR B 440 -5.69 -21.11 37.99
N PHE B 441 -5.12 -19.92 37.82
CA PHE B 441 -4.25 -19.66 36.69
C PHE B 441 -3.09 -20.65 36.67
N HIS B 442 -2.40 -20.76 37.80
CA HIS B 442 -1.25 -21.65 37.90
C HIS B 442 -1.58 -23.08 37.57
N ALA B 443 -2.78 -23.50 37.92
CA ALA B 443 -3.23 -24.87 37.68
C ALA B 443 -3.54 -25.06 36.20
N MET B 444 -4.09 -24.04 35.57
CA MET B 444 -4.41 -24.11 34.14
C MET B 444 -3.20 -24.05 33.22
N TYR B 445 -2.15 -23.36 33.66
CA TYR B 445 -0.92 -23.17 32.90
C TYR B 445 0.29 -23.75 33.65
N PRO B 446 0.48 -25.08 33.56
CA PRO B 446 1.59 -25.74 34.30
C PRO B 446 2.99 -25.19 34.01
N ARG B 447 3.19 -24.62 32.82
CA ARG B 447 4.52 -24.10 32.48
C ARG B 447 4.73 -22.70 33.04
N VAL B 448 3.77 -22.18 33.80
CA VAL B 448 3.89 -20.84 34.38
C VAL B 448 5.17 -20.57 35.17
N ASP B 449 5.60 -21.52 35.99
CA ASP B 449 6.77 -21.31 36.83
C ASP B 449 8.07 -21.34 36.01
N GLU B 450 8.11 -22.19 34.98
CA GLU B 450 9.17 -22.13 33.96
C GLU B 450 9.29 -20.73 33.37
N TRP B 451 8.13 -20.15 33.04
CA TRP B 451 8.03 -18.80 32.51
C TRP B 451 8.46 -17.73 33.50
N ILE B 452 8.06 -17.86 34.76
CA ILE B 452 8.47 -16.88 35.79
C ILE B 452 9.99 -16.80 35.99
N SER B 453 10.70 -17.92 35.82
CA SER B 453 12.15 -17.92 35.97
C SER B 453 12.82 -17.10 34.84
N VAL B 454 12.30 -17.23 33.62
CA VAL B 454 12.78 -16.44 32.47
C VAL B 454 12.51 -14.96 32.75
N ARG B 455 11.33 -14.67 33.27
CA ARG B 455 10.94 -13.30 33.60
C ARG B 455 11.90 -12.63 34.59
N ARG B 456 12.12 -13.25 35.75
CA ARG B 456 13.00 -12.69 36.79
C ARG B 456 14.45 -12.55 36.35
N LYS B 457 14.90 -13.48 35.51
CA LYS B 457 16.24 -13.44 34.95
C LYS B 457 16.45 -12.21 34.06
N VAL B 458 15.38 -11.73 33.42
CA VAL B 458 15.43 -10.55 32.54
C VAL B 458 14.78 -9.31 33.15
N ASP B 459 14.06 -9.49 34.25
CA ASP B 459 13.47 -8.37 34.98
C ASP B 459 13.48 -8.67 36.49
N PRO B 460 14.66 -8.52 37.13
CA PRO B 460 14.78 -8.83 38.55
C PRO B 460 14.07 -7.81 39.46
N LEU B 461 14.17 -6.53 39.14
CA LEU B 461 13.66 -5.45 39.99
C LEU B 461 12.17 -5.14 39.82
N ARG B 462 11.45 -5.95 39.02
CA ARG B 462 9.99 -5.80 38.81
C ARG B 462 9.64 -4.43 38.20
N VAL B 463 10.40 -4.01 37.21
CA VAL B 463 10.16 -2.76 36.50
C VAL B 463 8.89 -2.80 35.65
N PHE B 464 8.54 -4.01 35.18
CA PHE B 464 7.32 -4.21 34.41
C PHE B 464 6.32 -4.94 35.26
N ALA B 465 5.11 -4.39 35.31
CA ALA B 465 4.13 -4.84 36.26
C ALA B 465 2.76 -4.33 35.85
N SER B 466 1.71 -5.06 36.23
CA SER B 466 0.35 -4.62 35.96
C SER B 466 -0.63 -5.12 37.01
N ASP B 467 -1.87 -4.67 36.90
CA ASP B 467 -2.96 -5.19 37.69
C ASP B 467 -2.99 -6.70 37.58
N MET B 468 -2.99 -7.23 36.36
CA MET B 468 -2.95 -8.67 36.16
C MET B 468 -1.78 -9.33 36.87
N ALA B 469 -0.57 -8.85 36.61
CA ALA B 469 0.62 -9.47 37.17
C ALA B 469 0.52 -9.63 38.70
N ARG B 470 0.06 -8.58 39.39
CA ARG B 470 -0.07 -8.64 40.86
C ARG B 470 -1.09 -9.69 41.26
N ARG B 471 -2.26 -9.62 40.62
CA ARG B 471 -3.35 -10.56 40.87
C ARG B 471 -2.93 -12.03 40.65
N LEU B 472 -2.32 -12.31 39.50
CA LEU B 472 -1.94 -13.67 39.15
C LEU B 472 -0.56 -14.05 39.72
N GLU B 473 0.05 -13.12 40.47
CA GLU B 473 1.35 -13.34 41.09
C GLU B 473 2.38 -13.87 40.10
N LEU B 474 2.56 -13.10 39.04
CA LEU B 474 3.56 -13.38 38.01
C LEU B 474 4.84 -12.60 38.28
N LEU B 475 4.79 -11.63 39.18
CA LEU B 475 5.99 -10.91 39.62
C LEU B 475 6.81 -11.78 40.58
PA FAD C . 4.10 3.35 -24.02
O1A FAD C . 3.40 4.52 -24.66
O2A FAD C . 3.49 1.96 -24.16
O5B FAD C . 5.61 3.28 -24.57
C5B FAD C . 6.31 4.51 -24.60
C4B FAD C . 7.80 4.33 -24.83
O4B FAD C . 8.39 3.67 -23.70
C3B FAD C . 8.12 3.45 -26.03
O3B FAD C . 9.31 3.93 -26.63
C2B FAD C . 8.38 2.09 -25.43
O2B FAD C . 9.26 1.28 -26.22
C1B FAD C . 9.04 2.49 -24.13
N9A FAD C . 8.90 1.45 -23.09
C8A FAD C . 7.77 1.09 -22.47
N7A FAD C . 8.02 0.10 -21.58
C5A FAD C . 9.33 -0.18 -21.62
C6A FAD C . 10.26 -1.11 -20.95
N6A FAD C . 9.80 -1.96 -20.01
N1A FAD C . 11.58 -1.08 -21.29
C2A FAD C . 12.05 -0.23 -22.21
N3A FAD C . 11.26 0.64 -22.87
C4A FAD C . 9.93 0.72 -22.61
N1 FAD C . 4.32 12.88 -20.38
C2 FAD C . 5.00 13.75 -19.58
O2 FAD C . 6.26 13.70 -19.58
N3 FAD C . 4.37 14.64 -18.79
C4 FAD C . 3.02 14.73 -18.77
O4 FAD C . 2.41 15.56 -18.06
C4X FAD C . 2.21 13.84 -19.63
N5 FAD C . 0.87 13.89 -19.66
C5X FAD C . 0.18 13.01 -20.45
C6 FAD C . -1.21 13.04 -20.45
C7 FAD C . -1.97 12.19 -21.25
C7M FAD C . -3.48 12.24 -21.27
C8 FAD C . -1.25 11.20 -22.08
C8M FAD C . -2.07 10.25 -22.96
C9 FAD C . 0.14 11.15 -22.07
C9A FAD C . 0.89 12.01 -21.29
N10 FAD C . 2.29 11.97 -21.27
C10 FAD C . 2.97 12.88 -20.46
C1' FAD C . 3.10 11.04 -22.06
C2' FAD C . 3.37 9.77 -21.26
O2' FAD C . 3.75 10.04 -19.91
C3' FAD C . 4.47 9.01 -21.94
O3' FAD C . 4.06 8.82 -23.28
C4' FAD C . 4.74 7.65 -21.31
O4' FAD C . 6.00 7.20 -21.83
C5' FAD C . 3.67 6.63 -21.65
O5' FAD C . 3.89 5.48 -20.83
P FAD C . 3.43 4.03 -21.30
O1P FAD C . 3.75 3.11 -20.18
O2P FAD C . 2.04 4.12 -21.85
O3P FAD C . 4.46 3.74 -22.49
N1 IMD D . 14.18 -3.29 1.63
C2 IMD D . 13.91 -4.29 0.74
N3 IMD D . 13.49 -5.37 1.43
C4 IMD D . 13.49 -5.06 2.74
C5 IMD D . 13.92 -3.76 2.87
N1 G1T E . -1.95 17.40 -18.00
N3 G1T E . 1.93 18.38 -21.51
C4 G1T E . 0.34 18.44 -18.12
C5 G1T E . 0.55 18.23 -19.48
C6 G1T E . 1.76 18.65 -20.10
C7 G1T E . -0.90 18.05 -17.38
C8 G1T E . -1.95 17.11 -19.27
C10 G1T E . -5.30 17.46 -19.41
C13 G1T E . -3.38 16.29 -21.23
F3 G1T E . 4.36 19.30 -16.54
C14 G1T E . 3.54 20.20 -17.13
F1 G1T E . 4.31 21.07 -17.83
F2 G1T E . 3.00 20.92 -16.11
C2 G1T E . 2.54 19.52 -18.00
C3 G1T E . 1.34 19.10 -17.38
O1 G1T E . -1.00 18.29 -16.17
S G1T E . -0.66 17.44 -20.45
O2 G1T E . 2.22 17.22 -21.86
C1 G1T E . 2.76 19.30 -19.36
N2 G1T E . -3.08 16.43 -19.79
C12 G1T E . -4.32 17.37 -21.73
C11 G1T E . -5.60 17.39 -20.90
C9 G1T E . -4.32 16.37 -18.98
PA FAD F . -4.02 -4.02 24.71
O1A FAD F . -5.39 -4.55 25.01
O2A FAD F . -3.72 -2.55 24.83
O5B FAD F . -2.88 -4.76 25.55
C5B FAD F . -3.01 -6.16 25.74
C4B FAD F . -1.69 -6.73 26.21
O4B FAD F . -0.71 -6.54 25.19
C3B FAD F . -1.18 -6.03 27.46
O3B FAD F . -0.59 -7.00 28.31
C2B FAD F . -0.06 -5.14 26.97
O2B FAD F . 0.97 -4.96 27.96
C1B FAD F . 0.45 -5.95 25.79
N9A FAD F . 1.16 -5.10 24.83
C8A FAD F . 0.60 -4.25 23.94
N7A FAD F . 1.55 -3.63 23.23
C5A FAD F . 2.74 -4.07 23.64
C6A FAD F . 4.15 -3.82 23.29
N6A FAD F . 4.47 -2.93 22.32
N1A FAD F . 5.10 -4.50 23.98
C2A FAD F . 4.77 -5.39 24.97
N3A FAD F . 3.50 -5.66 25.34
C4A FAD F . 2.48 -5.04 24.71
N1 FAD F . -8.28 -12.37 20.58
C2 FAD F . -8.04 -13.52 19.91
O2 FAD F . -7.01 -14.15 20.20
N3 FAD F . -8.86 -13.99 18.95
C4 FAD F . -9.99 -13.36 18.59
O4 FAD F . -10.71 -13.83 17.69
C4X FAD F . -10.33 -12.10 19.28
N5 FAD F . -11.44 -11.38 19.00
C5X FAD F . -11.72 -10.22 19.64
C6 FAD F . -12.87 -9.52 19.30
C7 FAD F . -13.19 -8.33 19.94
C7M FAD F . -14.45 -7.58 19.56
C8 FAD F . -12.27 -7.79 20.99
C8M FAD F . -12.61 -6.50 21.70
C9 FAD F . -11.12 -8.50 21.34
C9A FAD F . -10.80 -9.70 20.71
N10 FAD F . -9.63 -10.44 21.03
C10 FAD F . -9.39 -11.63 20.33
C1' FAD F . -8.66 -10.01 22.04
C2' FAD F . -7.63 -9.10 21.39
O2' FAD F . -7.20 -9.64 20.15
C3' FAD F . -6.39 -8.95 22.28
O3' FAD F . -6.81 -8.55 23.57
C4' FAD F . -5.36 -7.98 21.74
O4' FAD F . -4.12 -8.20 22.42
C5' FAD F . -5.74 -6.51 21.92
O5' FAD F . -4.68 -5.75 21.35
P FAD F . -4.33 -4.29 21.89
O1P FAD F . -3.32 -3.70 20.96
O2P FAD F . -5.61 -3.54 22.19
O3P FAD F . -3.60 -4.63 23.27
N1 G1T G . -15.33 -12.96 16.31
N3 G1T G . -13.90 -15.42 20.80
C4 G1T G . -14.05 -14.96 17.12
C5 G1T G . -14.24 -14.78 18.47
C6 G1T G . -13.69 -15.67 19.40
C7 G1T G . -14.58 -14.09 16.04
C8 G1T G . -15.62 -12.58 17.54
C10 G1T G . -18.12 -10.30 19.07
C13 G1T G . -16.51 -10.38 16.63
F3 G1T G . -10.87 -17.75 16.38
C14 G1T G . -12.00 -18.14 17.03
F1 G1T G . -11.64 -19.07 17.96
F2 G1T G . -12.75 -18.82 16.12
C2 G1T G . -12.75 -16.98 17.62
C3 G1T G . -13.30 -16.08 16.69
O1 G1T G . -14.37 -14.35 14.86
S G1T G . -15.16 -13.40 19.04
O2 G1T G . -13.22 -14.50 21.29
C1 G1T G . -12.94 -16.78 18.99
N2 G1T G . -16.41 -11.42 17.67
C12 G1T G . -17.92 -9.79 16.56
C11 G1T G . -18.45 -9.34 17.92
C9 G1T G . -16.68 -10.83 19.00
#